data_6S8C
#
_entry.id   6S8C
#
_cell.length_a   169.435
_cell.length_b   169.435
_cell.length_c   123.567
_cell.angle_alpha   90.000
_cell.angle_beta   90.000
_cell.angle_gamma   120.000
#
_symmetry.space_group_name_H-M   'H 3'
#
loop_
_entity.id
_entity.type
_entity.pdbx_description
1 polymer 'Genome polyprotein,Genome polyprotein'
2 water water
#
_entity_poly.entity_id   1
_entity_poly.type   'polypeptide(L)'
_entity_poly.pdbx_seq_one_letter_code
;SRCTHLENRDFVTGTQGTTRVTLVLELGGCVTITAEGKPSMDVWLDAIYQENPAKTREYCLHAKLSDTKVAARCPTMGPA
TLAEEHQGGTVCKRDQSDRGHGNHCGLFGKGSIVACVKAACEAKKKATGHVYDANKIVYTVKVEPHTGDYVAANETHSGR
KTASFTISSEKTILTMGEYGDVSLLCRVASGVDLAQTVILELDKTVEHLPTAWQVHRDWFNDLALPWKHEGAQNWNNAER
LVEFGAPHAVKMDVYNLGDQTGVLLKALAGVPVAHIEGTKYHLKSGHVTCEVGLEKLKMKGLTYTMCDKTKFTWKRAPTD
SGHDTVVMEVTFSGTKPCRIPVRAVAHGSPDVNVAMLITPNPTIENNGGGFIEMQLPPGDNIIYVGELSHQWFQKGSSIG
RVFQGGGSGGGSGGFLSSIGKAVHTVLGGAFNSIGPFEDDDDKAGWSHPQFEK
;
_entity_poly.pdbx_strand_id   A,B,C
#
# COMPACT_ATOMS: atom_id res chain seq x y z
N ARG A 2 -7.84 -16.65 25.86
CA ARG A 2 -7.10 -15.66 25.08
C ARG A 2 -7.86 -15.30 23.77
N CYS A 3 -8.91 -16.09 23.45
CA CYS A 3 -9.77 -16.03 22.27
C CYS A 3 -11.09 -15.40 22.60
N THR A 4 -11.51 -14.52 21.68
CA THR A 4 -12.76 -13.77 21.67
C THR A 4 -13.77 -14.61 20.90
N HIS A 5 -15.05 -14.52 21.27
CA HIS A 5 -16.09 -15.29 20.59
C HIS A 5 -16.70 -14.44 19.50
N LEU A 6 -17.10 -15.12 18.42
CA LEU A 6 -17.74 -14.53 17.26
C LEU A 6 -19.12 -14.05 17.66
N GLU A 7 -19.43 -12.82 17.25
CA GLU A 7 -20.72 -12.19 17.54
C GLU A 7 -21.67 -12.28 16.35
N ASN A 8 -22.97 -12.18 16.61
CA ASN A 8 -24.05 -12.24 15.62
C ASN A 8 -23.86 -11.24 14.45
N ARG A 9 -23.46 -10.00 14.76
CA ARG A 9 -23.25 -8.90 13.81
C ARG A 9 -22.15 -9.19 12.80
N ASP A 10 -21.21 -10.07 13.18
CA ASP A 10 -20.01 -10.40 12.40
C ASP A 10 -20.19 -11.54 11.41
N PHE A 11 -21.42 -12.07 11.24
CA PHE A 11 -21.69 -13.10 10.24
C PHE A 11 -23.12 -12.95 9.69
N VAL A 12 -23.34 -13.44 8.47
CA VAL A 12 -24.62 -13.38 7.75
C VAL A 12 -24.92 -14.79 7.18
N THR A 13 -26.17 -15.25 7.33
CA THR A 13 -26.62 -16.55 6.84
C THR A 13 -27.64 -16.35 5.72
N GLY A 14 -27.32 -16.87 4.55
CA GLY A 14 -28.11 -16.77 3.34
C GLY A 14 -29.28 -17.74 3.26
N THR A 15 -30.20 -17.46 2.33
CA THR A 15 -31.42 -18.23 2.05
C THR A 15 -31.04 -19.59 1.46
N GLN A 16 -29.95 -19.63 0.68
CA GLN A 16 -29.41 -20.82 0.01
C GLN A 16 -28.33 -21.54 0.89
N GLY A 17 -28.44 -21.40 2.21
CA GLY A 17 -27.58 -22.03 3.22
C GLY A 17 -26.11 -21.63 3.34
N THR A 18 -25.70 -20.46 2.79
CA THR A 18 -24.30 -20.01 2.90
C THR A 18 -24.13 -19.06 4.10
N THR A 19 -23.08 -19.28 4.92
CA THR A 19 -22.74 -18.41 6.05
C THR A 19 -21.45 -17.68 5.70
N ARG A 20 -21.53 -16.35 5.73
CA ARG A 20 -20.40 -15.46 5.49
C ARG A 20 -19.98 -14.83 6.80
N VAL A 21 -18.77 -15.13 7.27
CA VAL A 21 -18.20 -14.63 8.54
C VAL A 21 -17.06 -13.63 8.25
N THR A 22 -16.99 -12.52 9.03
CA THR A 22 -15.90 -11.56 8.87
C THR A 22 -15.09 -11.53 10.17
N LEU A 23 -13.84 -12.02 10.08
CA LEU A 23 -12.86 -12.03 11.16
C LEU A 23 -11.77 -10.99 10.93
N VAL A 24 -11.41 -10.25 11.99
CA VAL A 24 -10.30 -9.30 12.06
C VAL A 24 -9.32 -9.94 13.04
N LEU A 25 -8.18 -10.40 12.52
CA LEU A 25 -7.18 -11.11 13.30
C LEU A 25 -5.88 -10.34 13.33
N GLU A 26 -5.61 -9.67 14.46
CA GLU A 26 -4.38 -8.92 14.68
C GLU A 26 -3.34 -9.93 15.13
N LEU A 27 -2.05 -9.65 14.92
CA LEU A 27 -0.99 -10.55 15.32
C LEU A 27 -1.14 -10.96 16.80
N GLY A 28 -1.35 -12.27 17.02
CA GLY A 28 -1.53 -12.87 18.34
C GLY A 28 -2.96 -12.89 18.84
N GLY A 29 -3.86 -12.35 18.04
CA GLY A 29 -5.29 -12.26 18.33
C GLY A 29 -6.02 -13.46 17.77
N CYS A 30 -6.89 -14.02 18.60
CA CYS A 30 -7.63 -15.22 18.29
C CYS A 30 -9.14 -15.02 18.43
N VAL A 31 -9.91 -15.66 17.52
CA VAL A 31 -11.38 -15.68 17.49
C VAL A 31 -11.86 -17.14 17.48
N THR A 32 -12.82 -17.47 18.36
CA THR A 32 -13.43 -18.78 18.41
C THR A 32 -14.74 -18.75 17.64
N ILE A 33 -14.83 -19.58 16.59
CA ILE A 33 -16.03 -19.73 15.77
C ILE A 33 -16.65 -21.09 16.14
N THR A 34 -17.98 -21.13 16.33
CA THR A 34 -18.62 -22.37 16.74
C THR A 34 -19.97 -22.58 16.04
N ALA A 35 -20.16 -23.79 15.48
CA ALA A 35 -21.39 -24.23 14.81
C ALA A 35 -22.05 -25.32 15.64
N GLU A 36 -23.36 -25.56 15.44
CA GLU A 36 -24.16 -26.54 16.20
C GLU A 36 -23.76 -27.98 15.89
N GLY A 37 -23.52 -28.77 16.94
CA GLY A 37 -23.13 -30.17 16.84
C GLY A 37 -21.65 -30.43 16.56
N LYS A 38 -20.96 -29.42 16.01
CA LYS A 38 -19.54 -29.41 15.65
C LYS A 38 -18.67 -28.79 16.78
N PRO A 39 -17.43 -29.28 17.04
CA PRO A 39 -16.61 -28.65 18.09
C PRO A 39 -16.23 -27.23 17.70
N SER A 40 -16.00 -26.33 18.68
CA SER A 40 -15.62 -24.95 18.38
C SER A 40 -14.15 -24.90 17.90
N MET A 41 -13.85 -24.01 16.93
CA MET A 41 -12.54 -23.85 16.32
C MET A 41 -11.94 -22.53 16.69
N ASP A 42 -10.65 -22.51 17.02
CA ASP A 42 -9.87 -21.30 17.29
C ASP A 42 -9.17 -20.84 15.99
N VAL A 43 -9.33 -19.58 15.62
CA VAL A 43 -8.74 -18.99 14.41
C VAL A 43 -7.84 -17.81 14.84
N TRP A 44 -6.54 -17.82 14.48
CA TRP A 44 -5.65 -16.72 14.85
C TRP A 44 -4.57 -16.43 13.82
N LEU A 45 -4.05 -15.17 13.85
CA LEU A 45 -2.90 -14.76 13.05
C LEU A 45 -1.66 -15.11 13.88
N ASP A 46 -0.88 -16.10 13.43
CA ASP A 46 0.24 -16.62 14.19
C ASP A 46 1.58 -15.90 13.93
N ALA A 47 1.86 -15.50 12.68
CA ALA A 47 3.14 -14.87 12.35
C ALA A 47 3.05 -13.94 11.14
N ILE A 48 3.94 -12.94 11.11
CA ILE A 48 4.13 -11.99 10.02
C ILE A 48 5.64 -11.87 9.86
N TYR A 49 6.14 -12.26 8.69
CA TYR A 49 7.57 -12.22 8.38
C TYR A 49 7.83 -12.33 6.86
N GLN A 50 9.09 -12.07 6.50
CA GLN A 50 9.65 -12.31 5.19
C GLN A 50 10.98 -13.04 5.37
N GLU A 51 11.17 -14.15 4.63
CA GLU A 51 12.41 -14.89 4.68
C GLU A 51 13.40 -14.25 3.73
N ASN A 52 14.63 -13.99 4.22
CA ASN A 52 15.74 -13.41 3.45
C ASN A 52 15.37 -12.15 2.65
N PRO A 53 15.10 -11.00 3.28
CA PRO A 53 14.82 -9.80 2.48
C PRO A 53 16.09 -9.34 1.75
N ALA A 54 15.92 -8.61 0.65
CA ALA A 54 17.00 -8.09 -0.17
C ALA A 54 17.95 -7.23 0.65
N LYS A 55 19.25 -7.51 0.53
CA LYS A 55 20.29 -6.72 1.17
C LYS A 55 20.44 -5.43 0.33
N THR A 56 20.50 -4.27 0.98
CA THR A 56 20.72 -3.00 0.29
C THR A 56 22.16 -2.52 0.67
N ARG A 57 22.35 -1.23 0.97
CA ARG A 57 23.65 -0.72 1.34
C ARG A 57 24.24 -1.35 2.58
N GLU A 58 25.57 -1.42 2.57
CA GLU A 58 26.43 -1.78 3.68
C GLU A 58 27.15 -0.51 4.04
N TYR A 59 27.13 -0.13 5.31
CA TYR A 59 27.85 1.03 5.79
C TYR A 59 29.05 0.58 6.59
N CYS A 60 30.17 1.30 6.47
CA CYS A 60 31.37 0.98 7.22
C CYS A 60 31.40 1.79 8.50
N LEU A 61 31.55 1.11 9.63
CA LEU A 61 31.60 1.77 10.93
C LEU A 61 33.05 2.05 11.35
N HIS A 62 34.02 1.30 10.78
CA HIS A 62 35.42 1.46 11.12
C HIS A 62 36.30 1.22 9.89
N ALA A 63 36.88 2.32 9.35
CA ALA A 63 37.67 2.32 8.12
C ALA A 63 39.15 1.92 8.36
N LYS A 64 39.70 1.18 7.36
CA LYS A 64 41.03 0.53 7.21
C LYS A 64 41.76 1.10 5.96
N LEU A 65 42.90 0.46 5.54
CA LEU A 65 43.65 0.82 4.32
C LEU A 65 44.57 -0.33 3.89
N CYS A 116 48.81 6.09 -3.61
CA CYS A 116 47.44 6.00 -3.10
C CYS A 116 46.94 4.53 -3.07
N VAL A 117 46.61 4.03 -1.86
CA VAL A 117 46.10 2.68 -1.57
C VAL A 117 44.59 2.83 -1.24
N LYS A 118 43.77 1.79 -1.57
CA LYS A 118 42.31 1.76 -1.38
C LYS A 118 41.88 1.65 0.11
N ALA A 119 40.79 2.36 0.48
CA ALA A 119 40.17 2.33 1.80
C ALA A 119 39.27 1.10 1.95
N ALA A 120 39.48 0.33 3.03
CA ALA A 120 38.72 -0.87 3.28
C ALA A 120 37.99 -0.77 4.62
N CYS A 121 37.20 -1.79 4.97
CA CYS A 121 36.46 -1.81 6.23
C CYS A 121 37.07 -2.81 7.17
N GLU A 122 37.01 -2.52 8.47
CA GLU A 122 37.54 -3.42 9.48
C GLU A 122 36.66 -4.67 9.59
N ALA A 123 37.27 -5.77 10.04
CA ALA A 123 36.60 -7.05 10.21
C ALA A 123 35.43 -6.92 11.17
N LYS A 124 34.26 -7.44 10.74
CA LYS A 124 33.00 -7.44 11.48
C LYS A 124 32.54 -6.01 11.91
N LYS A 125 32.90 -4.95 11.14
CA LYS A 125 32.57 -3.55 11.47
C LYS A 125 31.61 -2.91 10.45
N LYS A 126 30.70 -3.71 9.85
CA LYS A 126 29.68 -3.20 8.92
C LYS A 126 28.30 -3.08 9.57
N ALA A 127 27.48 -2.17 9.04
CA ALA A 127 26.08 -2.00 9.44
C ALA A 127 25.27 -2.17 8.14
N THR A 128 24.61 -3.33 7.96
CA THR A 128 23.93 -3.68 6.73
C THR A 128 22.42 -3.38 6.73
N GLY A 129 21.95 -2.89 5.59
CA GLY A 129 20.54 -2.64 5.35
C GLY A 129 19.84 -3.76 4.61
N HIS A 130 18.57 -4.01 4.96
CA HIS A 130 17.68 -4.97 4.31
C HIS A 130 16.35 -4.31 4.08
N VAL A 131 15.78 -4.51 2.86
CA VAL A 131 14.49 -3.96 2.43
C VAL A 131 13.47 -5.07 2.28
N TYR A 132 12.22 -4.82 2.74
CA TYR A 132 11.15 -5.79 2.57
C TYR A 132 10.53 -5.65 1.17
N ASP A 133 9.92 -6.74 0.70
CA ASP A 133 9.12 -6.79 -0.50
C ASP A 133 7.75 -7.03 0.06
N ALA A 134 6.90 -5.98 0.02
CA ALA A 134 5.58 -6.02 0.59
C ALA A 134 4.74 -7.21 0.09
N ASN A 135 5.01 -7.68 -1.15
CA ASN A 135 4.23 -8.78 -1.71
C ASN A 135 4.77 -10.15 -1.30
N LYS A 136 5.97 -10.17 -0.68
CA LYS A 136 6.66 -11.38 -0.22
C LYS A 136 6.50 -11.62 1.29
N ILE A 137 5.83 -10.73 2.02
CA ILE A 137 5.59 -10.88 3.44
C ILE A 137 4.45 -11.91 3.64
N VAL A 138 4.68 -12.89 4.54
CA VAL A 138 3.77 -13.99 4.79
C VAL A 138 3.03 -13.75 6.08
N TYR A 139 1.68 -13.90 6.02
CA TYR A 139 0.75 -13.79 7.15
C TYR A 139 0.18 -15.17 7.35
N THR A 140 0.64 -15.87 8.40
CA THR A 140 0.24 -17.25 8.67
C THR A 140 -0.94 -17.32 9.66
N VAL A 141 -2.10 -17.80 9.15
CA VAL A 141 -3.34 -18.01 9.91
C VAL A 141 -3.39 -19.48 10.30
N LYS A 142 -3.67 -19.77 11.58
CA LYS A 142 -3.80 -21.13 12.08
C LYS A 142 -5.23 -21.39 12.58
N VAL A 143 -5.74 -22.61 12.34
CA VAL A 143 -7.09 -23.05 12.75
C VAL A 143 -6.91 -24.33 13.51
N GLU A 144 -7.47 -24.39 14.73
CA GLU A 144 -7.34 -25.57 15.59
C GLU A 144 -8.62 -25.77 16.42
N PRO A 145 -9.05 -27.02 16.71
CA PRO A 145 -10.24 -27.20 17.57
C PRO A 145 -10.02 -26.74 19.02
N HIS A 146 -11.13 -26.43 19.75
CA HIS A 146 -11.28 -25.96 21.14
C HIS A 146 -11.29 -24.43 21.17
N HIS A 157 -0.50 -29.09 16.66
CA HIS A 157 -1.25 -29.73 17.73
C HIS A 157 -2.64 -30.22 17.25
N SER A 158 -2.86 -31.57 17.24
CA SER A 158 -4.09 -32.31 16.87
C SER A 158 -4.50 -32.07 15.36
N GLY A 159 -5.71 -31.55 15.11
CA GLY A 159 -6.23 -31.27 13.78
C GLY A 159 -6.05 -29.82 13.35
N ARG A 160 -4.84 -29.29 13.60
CA ARG A 160 -4.45 -27.90 13.32
C ARG A 160 -4.14 -27.67 11.83
N LYS A 161 -4.97 -26.84 11.17
CA LYS A 161 -4.78 -26.41 9.78
C LYS A 161 -3.96 -25.11 9.74
N THR A 162 -3.17 -24.91 8.68
CA THR A 162 -2.31 -23.72 8.48
C THR A 162 -2.51 -23.17 7.06
N ALA A 163 -2.70 -21.85 6.98
CA ALA A 163 -2.86 -21.12 5.73
C ALA A 163 -2.04 -19.85 5.77
N SER A 164 -1.23 -19.64 4.74
CA SER A 164 -0.42 -18.45 4.58
C SER A 164 -0.97 -17.57 3.47
N PHE A 165 -0.93 -16.24 3.72
CA PHE A 165 -1.39 -15.24 2.77
C PHE A 165 -0.34 -14.18 2.55
N THR A 166 -0.45 -13.48 1.42
CA THR A 166 0.40 -12.37 1.01
C THR A 166 -0.52 -11.34 0.36
N ILE A 167 0.00 -10.17 -0.07
CA ILE A 167 -0.84 -9.22 -0.81
C ILE A 167 -1.41 -9.89 -2.09
N SER A 168 -0.58 -10.72 -2.74
CA SER A 168 -0.86 -11.43 -3.98
C SER A 168 -1.68 -12.73 -3.80
N SER A 169 -1.56 -13.41 -2.66
CA SER A 169 -2.29 -14.64 -2.42
C SER A 169 -3.27 -14.41 -1.28
N GLU A 170 -4.54 -14.27 -1.64
CA GLU A 170 -5.65 -13.94 -0.76
C GLU A 170 -6.63 -15.08 -0.46
N LYS A 171 -6.82 -16.00 -1.40
CA LYS A 171 -7.85 -17.03 -1.27
C LYS A 171 -7.31 -18.46 -1.22
N THR A 172 -7.91 -19.26 -0.35
CA THR A 172 -7.63 -20.65 -0.14
C THR A 172 -8.91 -21.37 0.35
N ILE A 173 -9.05 -22.63 -0.01
CA ILE A 173 -10.14 -23.52 0.40
C ILE A 173 -9.48 -24.52 1.33
N LEU A 174 -10.01 -24.60 2.52
CA LEU A 174 -9.54 -25.45 3.59
C LEU A 174 -10.53 -26.59 3.85
N THR A 175 -10.06 -27.81 4.14
CA THR A 175 -11.01 -28.84 4.55
C THR A 175 -10.93 -28.90 6.09
N MET A 176 -11.81 -28.11 6.76
CA MET A 176 -11.89 -28.00 8.23
C MET A 176 -12.55 -29.22 8.90
N GLY A 177 -12.45 -30.38 8.24
CA GLY A 177 -12.98 -31.66 8.68
C GLY A 177 -14.46 -31.63 8.99
N GLU A 178 -14.79 -31.27 10.25
CA GLU A 178 -16.15 -31.21 10.77
C GLU A 178 -16.93 -30.06 10.14
N TYR A 179 -16.24 -28.94 9.79
CA TYR A 179 -16.90 -27.78 9.18
C TYR A 179 -16.89 -27.84 7.64
N GLY A 180 -16.41 -28.98 7.10
CA GLY A 180 -16.34 -29.28 5.68
C GLY A 180 -15.42 -28.37 4.91
N ASP A 181 -15.73 -28.17 3.62
CA ASP A 181 -14.92 -27.28 2.80
C ASP A 181 -15.28 -25.84 3.15
N VAL A 182 -14.27 -25.13 3.61
CA VAL A 182 -14.36 -23.75 4.05
C VAL A 182 -13.52 -22.86 3.13
N SER A 183 -14.10 -21.75 2.65
CA SER A 183 -13.35 -20.80 1.85
C SER A 183 -12.86 -19.69 2.80
N LEU A 184 -11.55 -19.42 2.75
CA LEU A 184 -10.86 -18.41 3.52
C LEU A 184 -10.29 -17.35 2.58
N LEU A 185 -10.75 -16.10 2.71
CA LEU A 185 -10.28 -14.99 1.89
C LEU A 185 -9.75 -13.91 2.82
N CYS A 186 -8.41 -13.88 3.00
CA CYS A 186 -7.78 -12.96 3.94
C CYS A 186 -7.00 -11.85 3.27
N ARG A 187 -7.42 -10.60 3.55
CA ARG A 187 -6.72 -9.40 3.08
C ARG A 187 -5.70 -9.04 4.15
N VAL A 188 -4.43 -9.10 3.79
CA VAL A 188 -3.32 -8.79 4.70
C VAL A 188 -3.10 -7.25 4.81
N ALA A 189 -2.61 -6.83 5.98
CA ALA A 189 -2.38 -5.41 6.26
C ALA A 189 -1.22 -5.24 7.22
N SER A 190 -0.10 -4.79 6.68
CA SER A 190 1.11 -4.49 7.43
C SER A 190 0.85 -3.41 8.49
N GLY A 191 1.45 -3.57 9.66
CA GLY A 191 1.35 -2.60 10.73
C GLY A 191 2.48 -1.59 10.64
N VAL A 192 3.37 -1.79 9.66
CA VAL A 192 4.58 -1.01 9.39
C VAL A 192 4.51 -0.43 7.98
N ASP A 193 4.78 0.87 7.81
CA ASP A 193 4.89 1.52 6.50
C ASP A 193 6.20 1.02 5.92
N LEU A 194 6.12 -0.08 5.14
CA LEU A 194 7.29 -0.83 4.62
C LEU A 194 8.14 -0.03 3.69
N ALA A 195 7.54 0.87 2.90
CA ALA A 195 8.21 1.74 1.95
C ALA A 195 9.19 2.66 2.66
N GLN A 196 8.91 3.03 3.92
CA GLN A 196 9.76 3.95 4.69
C GLN A 196 10.64 3.24 5.72
N THR A 197 10.71 1.89 5.66
CA THR A 197 11.46 1.07 6.61
C THR A 197 12.67 0.44 5.97
N VAL A 198 13.76 0.33 6.76
CA VAL A 198 15.00 -0.38 6.46
C VAL A 198 15.34 -1.20 7.71
N ILE A 199 15.78 -2.46 7.55
CA ILE A 199 16.28 -3.26 8.66
C ILE A 199 17.77 -3.06 8.73
N LEU A 200 18.27 -2.43 9.82
CA LEU A 200 19.69 -2.17 10.02
C LEU A 200 20.22 -3.25 10.95
N GLU A 201 21.25 -3.93 10.51
CA GLU A 201 21.81 -5.09 11.23
C GLU A 201 23.31 -5.00 11.34
N LEU A 202 23.84 -5.30 12.53
CA LEU A 202 25.30 -5.32 12.76
C LEU A 202 25.84 -6.75 12.53
N ASP A 203 27.18 -6.86 12.38
CA ASP A 203 27.90 -8.11 12.20
C ASP A 203 27.96 -8.88 13.54
N LYS A 204 27.72 -10.21 13.47
CA LYS A 204 27.58 -11.16 14.57
C LYS A 204 28.78 -11.19 15.56
N THR A 205 28.45 -10.78 16.81
CA THR A 205 29.33 -10.67 17.98
C THR A 205 28.51 -10.71 19.29
N HIS A 208 26.47 -9.91 22.03
CA HIS A 208 25.88 -9.97 23.37
C HIS A 208 25.00 -8.70 23.63
N LEU A 209 24.36 -8.20 22.56
CA LEU A 209 23.50 -7.01 22.55
C LEU A 209 22.40 -7.11 21.47
N PRO A 210 21.39 -6.17 21.42
CA PRO A 210 20.52 -6.14 20.23
C PRO A 210 21.37 -5.69 19.03
N THR A 211 21.34 -6.40 17.91
CA THR A 211 22.19 -5.96 16.78
C THR A 211 21.37 -5.89 15.47
N ALA A 212 20.07 -5.58 15.59
CA ALA A 212 19.14 -5.48 14.48
C ALA A 212 18.01 -4.55 14.87
N TRP A 213 17.77 -3.49 14.06
CA TRP A 213 16.76 -2.44 14.30
C TRP A 213 15.91 -2.14 13.07
N GLN A 214 14.73 -1.62 13.29
CA GLN A 214 13.80 -1.16 12.25
C GLN A 214 13.96 0.37 12.19
N VAL A 215 14.63 0.88 11.14
CA VAL A 215 14.97 2.31 11.03
C VAL A 215 14.17 2.93 9.87
N HIS A 216 14.13 4.27 9.82
CA HIS A 216 13.48 4.99 8.73
C HIS A 216 14.42 5.03 7.51
N ARG A 217 13.85 4.89 6.29
CA ARG A 217 14.59 4.93 5.02
C ARG A 217 15.40 6.23 4.87
N ASP A 218 14.79 7.38 5.18
CA ASP A 218 15.42 8.69 5.06
C ASP A 218 16.59 8.85 6.01
N TRP A 219 16.55 8.19 7.17
CA TRP A 219 17.61 8.16 8.14
C TRP A 219 18.76 7.30 7.62
N PHE A 220 18.45 6.08 7.19
CA PHE A 220 19.39 5.11 6.66
C PHE A 220 20.14 5.65 5.43
N ASN A 221 19.43 6.19 4.46
CA ASN A 221 19.98 6.70 3.21
C ASN A 221 20.89 7.88 3.40
N ASP A 222 20.69 8.67 4.46
CA ASP A 222 21.53 9.85 4.65
C ASP A 222 22.63 9.62 5.70
N LEU A 223 22.82 8.35 6.18
CA LEU A 223 23.85 7.98 7.16
C LEU A 223 25.22 8.45 6.68
N ALA A 224 25.86 9.36 7.44
CA ALA A 224 27.15 9.95 7.05
C ALA A 224 28.30 8.98 7.26
N LEU A 225 28.25 7.83 6.54
CA LEU A 225 29.28 6.79 6.62
C LEU A 225 29.65 6.28 5.23
N PRO A 226 30.87 5.69 5.03
CA PRO A 226 31.20 5.11 3.70
C PRO A 226 30.28 3.93 3.41
N TRP A 227 29.91 3.75 2.14
CA TRP A 227 28.98 2.68 1.81
C TRP A 227 29.34 1.98 0.50
N LYS A 228 28.78 0.79 0.33
CA LYS A 228 28.88 -0.01 -0.87
C LYS A 228 27.77 -1.06 -0.85
N HIS A 229 27.57 -1.71 -2.01
CA HIS A 229 26.66 -2.82 -2.15
C HIS A 229 27.50 -4.09 -2.17
N GLU A 230 26.99 -5.18 -1.59
CA GLU A 230 27.63 -6.49 -1.55
C GLU A 230 28.06 -6.90 -2.96
N GLY A 231 29.35 -7.12 -3.13
CA GLY A 231 29.89 -7.47 -4.44
C GLY A 231 30.80 -6.42 -5.01
N ALA A 232 30.60 -5.15 -4.60
CA ALA A 232 31.45 -4.05 -5.04
C ALA A 232 32.79 -4.18 -4.31
N GLN A 233 33.88 -3.77 -4.95
CA GLN A 233 35.16 -3.90 -4.28
C GLN A 233 35.69 -2.51 -3.93
N ASN A 234 34.80 -1.49 -4.00
CA ASN A 234 35.14 -0.11 -3.66
C ASN A 234 34.09 0.54 -2.77
N TRP A 235 34.53 1.18 -1.65
CA TRP A 235 33.69 1.94 -0.74
C TRP A 235 33.49 3.33 -1.30
N ASN A 236 32.25 3.80 -1.28
CA ASN A 236 31.87 5.14 -1.71
C ASN A 236 31.93 6.03 -0.49
N ASN A 237 32.41 7.28 -0.69
CA ASN A 237 32.53 8.32 0.34
C ASN A 237 33.35 7.86 1.55
N ALA A 238 34.50 7.21 1.26
CA ALA A 238 35.43 6.67 2.25
C ALA A 238 36.10 7.81 3.07
N GLU A 239 36.12 9.04 2.52
CA GLU A 239 36.70 10.24 3.14
C GLU A 239 35.91 10.64 4.40
N ARG A 240 34.74 10.01 4.63
CA ARG A 240 33.90 10.29 5.81
C ARG A 240 34.53 9.73 7.09
N LEU A 241 35.51 8.85 6.96
CA LEU A 241 36.22 8.26 8.09
C LEU A 241 37.74 8.37 7.94
N VAL A 242 38.19 8.57 6.68
CA VAL A 242 39.57 8.60 6.18
C VAL A 242 39.91 10.01 5.60
N GLU A 243 41.20 10.23 5.14
CA GLU A 243 41.74 11.45 4.52
C GLU A 243 43.02 11.12 3.75
N VAL A 254 47.88 11.34 8.48
CA VAL A 254 46.65 11.11 7.73
C VAL A 254 45.49 10.84 8.72
N TYR A 255 44.34 11.55 8.56
CA TYR A 255 43.17 11.47 9.44
C TYR A 255 42.36 10.17 9.31
N ASN A 256 42.10 9.53 10.47
CA ASN A 256 41.26 8.34 10.66
C ASN A 256 40.41 8.59 11.89
N LEU A 257 39.08 8.49 11.74
CA LEU A 257 38.10 8.88 12.76
C LEU A 257 37.74 7.80 13.78
N GLY A 258 38.25 6.58 13.63
CA GLY A 258 37.99 5.48 14.56
C GLY A 258 36.65 4.79 14.39
N ASP A 259 36.39 3.80 15.27
CA ASP A 259 35.18 2.98 15.30
C ASP A 259 34.01 3.83 15.73
N GLN A 260 32.98 3.90 14.86
CA GLN A 260 31.78 4.69 15.04
C GLN A 260 30.59 3.87 15.60
N THR A 261 30.82 2.57 15.94
CA THR A 261 29.79 1.68 16.49
C THR A 261 29.08 2.37 17.68
N GLY A 262 29.86 2.96 18.59
CA GLY A 262 29.39 3.67 19.76
C GLY A 262 28.45 4.82 19.49
N VAL A 263 28.78 5.67 18.51
CA VAL A 263 27.98 6.84 18.08
C VAL A 263 26.68 6.32 17.46
N LEU A 264 26.76 5.22 16.68
CA LEU A 264 25.59 4.61 16.05
C LEU A 264 24.64 4.05 17.10
N LEU A 265 25.17 3.25 18.05
CA LEU A 265 24.40 2.64 19.13
C LEU A 265 23.67 3.71 19.97
N LYS A 266 24.32 4.88 20.20
CA LYS A 266 23.75 6.04 20.92
C LYS A 266 22.53 6.57 20.17
N ALA A 267 22.60 6.64 18.82
CA ALA A 267 21.53 7.14 17.98
C ALA A 267 20.36 6.15 17.91
N LEU A 268 20.65 4.86 18.04
CA LEU A 268 19.68 3.76 17.94
C LEU A 268 19.02 3.46 19.28
N ALA A 269 19.25 4.30 20.28
CA ALA A 269 18.65 4.11 21.60
C ALA A 269 17.13 4.32 21.54
N GLY A 270 16.38 3.35 22.07
CA GLY A 270 14.92 3.40 22.08
C GLY A 270 14.25 3.10 20.77
N VAL A 271 15.05 2.86 19.70
CA VAL A 271 14.58 2.54 18.35
C VAL A 271 14.10 1.06 18.37
N PRO A 272 12.93 0.73 17.71
CA PRO A 272 12.46 -0.67 17.73
C PRO A 272 13.50 -1.66 17.20
N VAL A 273 13.73 -2.73 17.95
CA VAL A 273 14.63 -3.82 17.54
C VAL A 273 13.92 -4.75 16.57
N ALA A 274 14.65 -5.29 15.56
CA ALA A 274 14.07 -6.20 14.57
C ALA A 274 14.26 -7.65 15.04
N HIS A 275 13.16 -8.40 15.12
CA HIS A 275 13.13 -9.81 15.49
C HIS A 275 13.49 -10.66 14.23
N ILE A 276 14.69 -11.25 14.26
CA ILE A 276 15.18 -12.12 13.21
C ILE A 276 15.32 -13.51 13.80
N GLU A 277 14.58 -14.51 13.25
CA GLU A 277 14.77 -15.89 13.75
C GLU A 277 15.23 -16.70 12.56
N GLY A 278 16.54 -16.74 12.41
CA GLY A 278 17.20 -17.43 11.32
C GLY A 278 17.13 -16.57 10.09
N THR A 279 16.32 -17.00 9.13
CA THR A 279 16.12 -16.30 7.84
C THR A 279 14.85 -15.48 7.91
N LYS A 280 13.92 -15.82 8.87
CA LYS A 280 12.63 -15.14 9.08
C LYS A 280 12.81 -13.76 9.72
N TYR A 281 12.56 -12.71 8.94
CA TYR A 281 12.57 -11.32 9.42
C TYR A 281 11.15 -10.96 9.85
N HIS A 282 10.86 -11.02 11.15
CA HIS A 282 9.54 -10.77 11.72
C HIS A 282 9.15 -9.32 11.85
N LEU A 283 7.82 -9.13 11.75
CA LEU A 283 7.08 -7.91 11.96
C LEU A 283 6.25 -8.12 13.20
N LYS A 284 6.20 -7.10 14.07
CA LYS A 284 5.52 -7.26 15.36
C LYS A 284 4.11 -6.63 15.39
N SER A 285 3.74 -6.05 14.26
CA SER A 285 2.54 -5.30 14.00
C SER A 285 1.93 -5.70 12.65
N GLY A 286 0.62 -5.73 12.60
CA GLY A 286 -0.12 -6.12 11.43
C GLY A 286 -1.30 -7.00 11.79
N HIS A 287 -2.22 -7.12 10.84
CA HIS A 287 -3.42 -7.93 10.95
C HIS A 287 -3.82 -8.45 9.57
N VAL A 288 -4.88 -9.24 9.57
CA VAL A 288 -5.49 -9.89 8.42
C VAL A 288 -7.01 -9.76 8.65
N THR A 289 -7.77 -9.42 7.58
CA THR A 289 -9.24 -9.30 7.62
C THR A 289 -9.73 -10.40 6.68
N CYS A 290 -10.31 -11.45 7.28
CA CYS A 290 -10.76 -12.65 6.58
C CYS A 290 -12.28 -12.67 6.42
N GLU A 291 -12.70 -13.09 5.23
CA GLU A 291 -14.07 -13.37 4.82
C GLU A 291 -14.11 -14.89 4.71
N VAL A 292 -14.78 -15.54 5.69
CA VAL A 292 -14.89 -17.01 5.77
C VAL A 292 -16.24 -17.47 5.24
N GLY A 293 -16.25 -18.41 4.33
CA GLY A 293 -17.43 -19.00 3.72
C GLY A 293 -17.71 -20.42 4.18
N LEU A 294 -18.82 -20.59 4.89
CA LEU A 294 -19.24 -21.89 5.41
C LEU A 294 -20.51 -22.36 4.71
N GLU A 295 -20.60 -23.66 4.54
CA GLU A 295 -21.66 -24.29 3.79
C GLU A 295 -22.47 -25.21 4.69
N LYS A 296 -23.81 -25.12 4.57
CA LYS A 296 -24.83 -25.96 5.22
C LYS A 296 -24.52 -26.23 6.72
N LEU A 297 -24.64 -25.19 7.59
CA LEU A 297 -24.40 -25.28 9.04
C LEU A 297 -25.07 -24.11 9.81
N LYS A 298 -25.69 -24.42 10.96
CA LYS A 298 -26.39 -23.46 11.81
C LYS A 298 -25.42 -22.83 12.79
N MET A 299 -24.75 -21.75 12.35
CA MET A 299 -23.77 -21.03 13.15
C MET A 299 -24.30 -20.47 14.46
N LYS A 300 -23.67 -20.87 15.58
CA LYS A 300 -24.05 -20.44 16.92
C LYS A 300 -23.43 -19.04 17.12
N GLY A 301 -24.29 -18.04 17.18
CA GLY A 301 -23.85 -16.66 17.35
C GLY A 301 -24.16 -16.11 18.72
N LEU A 302 -23.17 -15.41 19.31
CA LEU A 302 -23.34 -14.81 20.65
C LEU A 302 -23.41 -13.29 20.60
N THR A 303 -23.75 -12.67 21.72
CA THR A 303 -23.71 -11.22 21.87
C THR A 303 -23.30 -10.90 23.31
N TYR A 304 -22.20 -10.14 23.42
CA TYR A 304 -21.60 -9.74 24.69
C TYR A 304 -22.34 -8.59 25.31
N THR A 305 -22.49 -8.63 26.62
CA THR A 305 -23.06 -7.50 27.37
C THR A 305 -21.88 -6.60 27.71
N MET A 306 -22.12 -5.32 27.98
CA MET A 306 -21.01 -4.42 28.33
C MET A 306 -20.55 -4.66 29.76
N CYS A 307 -19.21 -4.75 29.96
CA CYS A 307 -18.59 -4.90 31.29
C CYS A 307 -18.99 -3.72 32.16
N ASP A 308 -19.17 -3.97 33.46
CA ASP A 308 -19.47 -2.93 34.44
C ASP A 308 -18.26 -2.01 34.54
N LYS A 309 -18.44 -0.72 34.19
CA LYS A 309 -17.43 0.35 34.21
C LYS A 309 -16.79 0.60 35.61
N THR A 310 -17.47 0.15 36.67
CA THR A 310 -17.00 0.35 38.04
C THR A 310 -16.10 -0.78 38.57
N LYS A 311 -15.86 -1.86 37.79
CA LYS A 311 -15.13 -3.05 38.28
C LYS A 311 -13.83 -3.37 37.52
N PHE A 312 -13.12 -2.33 37.09
CA PHE A 312 -11.85 -2.49 36.39
C PHE A 312 -10.67 -2.00 37.24
N THR A 313 -9.49 -2.64 37.06
CA THR A 313 -8.22 -2.36 37.76
C THR A 313 -7.03 -2.50 36.80
N TRP A 314 -5.96 -1.71 36.98
CA TRP A 314 -4.79 -1.84 36.09
C TRP A 314 -3.85 -2.98 36.51
N LYS A 315 -3.77 -4.05 35.69
CA LYS A 315 -2.79 -5.13 35.88
C LYS A 315 -1.48 -4.57 35.32
N ARG A 316 -1.58 -3.90 34.16
CA ARG A 316 -0.48 -3.23 33.45
C ARG A 316 -0.96 -1.86 32.95
N ALA A 317 -0.40 -0.78 33.52
CA ALA A 317 -0.75 0.58 33.12
C ALA A 317 -0.26 0.87 31.70
N PRO A 318 -0.91 1.79 30.93
CA PRO A 318 -0.47 2.06 29.55
C PRO A 318 1.03 2.30 29.37
N THR A 319 1.62 1.63 28.38
CA THR A 319 3.05 1.74 28.07
C THR A 319 3.33 1.52 26.57
N ASP A 320 4.52 1.94 26.11
CA ASP A 320 4.99 1.75 24.74
C ASP A 320 5.17 0.26 24.47
N SER A 321 4.61 -0.22 23.35
CA SER A 321 4.65 -1.61 22.90
C SER A 321 6.00 -2.00 22.30
N GLY A 322 6.74 -1.01 21.81
CA GLY A 322 8.02 -1.21 21.15
C GLY A 322 7.87 -1.25 19.64
N HIS A 323 6.64 -0.95 19.14
CA HIS A 323 6.31 -0.90 17.71
C HIS A 323 5.24 0.16 17.42
N ASP A 324 5.40 1.36 18.04
CA ASP A 324 4.59 2.56 17.85
C ASP A 324 3.09 2.41 18.23
N THR A 325 2.80 1.63 19.26
CA THR A 325 1.43 1.49 19.76
C THR A 325 1.49 1.60 21.28
N VAL A 326 0.32 1.62 21.93
CA VAL A 326 0.17 1.68 23.38
C VAL A 326 -0.49 0.35 23.80
N VAL A 327 0.13 -0.33 24.78
CA VAL A 327 -0.33 -1.61 25.34
C VAL A 327 -0.72 -1.41 26.79
N MET A 328 -1.67 -2.21 27.27
CA MET A 328 -2.15 -2.21 28.66
C MET A 328 -2.91 -3.51 28.95
N GLU A 329 -3.06 -3.81 30.23
CA GLU A 329 -3.79 -4.99 30.67
C GLU A 329 -4.61 -4.61 31.91
N VAL A 330 -5.92 -4.93 31.89
CA VAL A 330 -6.87 -4.65 32.95
C VAL A 330 -7.36 -5.96 33.61
N THR A 331 -7.78 -5.84 34.90
CA THR A 331 -8.34 -6.86 35.78
C THR A 331 -9.85 -6.57 35.90
N PHE A 332 -10.74 -7.60 35.81
CA PHE A 332 -12.18 -7.37 35.96
C PHE A 332 -12.75 -8.18 37.12
N SER A 333 -13.38 -7.45 38.04
CA SER A 333 -13.99 -7.99 39.26
C SER A 333 -15.54 -7.83 39.23
N GLY A 334 -16.12 -8.26 38.12
CA GLY A 334 -17.56 -8.35 37.87
C GLY A 334 -17.93 -9.65 37.16
N THR A 335 -19.20 -9.75 36.67
CA THR A 335 -19.71 -10.94 35.95
C THR A 335 -19.17 -11.01 34.48
N LYS A 336 -18.57 -12.16 34.15
CA LYS A 336 -17.91 -12.50 32.89
C LYS A 336 -18.71 -13.58 32.10
N PRO A 337 -18.56 -13.68 30.76
CA PRO A 337 -17.77 -12.81 29.87
C PRO A 337 -18.52 -11.54 29.48
N CYS A 338 -17.78 -10.48 29.14
CA CYS A 338 -18.38 -9.21 28.72
C CYS A 338 -17.43 -8.43 27.83
N ARG A 339 -17.95 -7.39 27.16
CA ARG A 339 -17.21 -6.46 26.31
C ARG A 339 -16.61 -5.33 27.14
N ILE A 340 -15.28 -5.08 27.00
CA ILE A 340 -14.57 -4.03 27.75
C ILE A 340 -14.92 -2.64 27.18
N PRO A 341 -15.44 -1.68 28.00
CA PRO A 341 -15.67 -0.32 27.47
C PRO A 341 -14.36 0.45 27.38
N VAL A 342 -13.84 0.67 26.14
CA VAL A 342 -12.57 1.39 25.94
C VAL A 342 -12.78 2.63 25.08
N ARG A 343 -12.17 3.75 25.49
CA ARG A 343 -12.16 5.02 24.76
C ARG A 343 -10.93 5.79 25.22
N ALA A 344 -10.67 6.92 24.56
CA ALA A 344 -9.59 7.84 24.90
C ALA A 344 -9.97 9.21 24.43
N VAL A 345 -9.52 10.22 25.13
CA VAL A 345 -9.87 11.57 24.75
C VAL A 345 -8.59 12.37 24.61
N ALA A 346 -8.52 13.20 23.56
CA ALA A 346 -7.39 14.10 23.37
C ALA A 346 -7.64 15.26 24.27
N HIS A 347 -6.58 15.87 24.83
CA HIS A 347 -6.73 17.00 25.75
C HIS A 347 -7.54 18.13 25.10
N GLY A 348 -8.57 18.56 25.82
CA GLY A 348 -9.46 19.61 25.39
C GLY A 348 -10.85 19.14 25.02
N SER A 349 -10.95 18.08 24.19
CA SER A 349 -12.22 17.54 23.73
C SER A 349 -12.54 16.20 24.40
N PRO A 350 -13.39 16.21 25.44
CA PRO A 350 -13.71 14.95 26.13
C PRO A 350 -14.84 14.15 25.47
N ASP A 351 -15.45 14.67 24.41
CA ASP A 351 -16.57 13.98 23.76
C ASP A 351 -16.12 13.09 22.63
N VAL A 352 -15.04 13.46 21.94
CA VAL A 352 -14.52 12.72 20.79
C VAL A 352 -13.60 11.56 21.23
N ASN A 353 -13.91 10.35 20.75
CA ASN A 353 -13.07 9.18 21.00
C ASN A 353 -11.90 9.17 20.00
N VAL A 354 -10.68 9.18 20.53
CA VAL A 354 -9.45 9.23 19.72
C VAL A 354 -8.64 7.89 19.80
N ALA A 355 -9.17 6.87 20.51
CA ALA A 355 -8.58 5.55 20.60
C ALA A 355 -8.77 4.80 19.30
N MET A 356 -7.69 4.29 18.74
CA MET A 356 -7.78 3.52 17.51
C MET A 356 -7.26 2.17 17.88
N LEU A 357 -8.17 1.27 18.24
CA LEU A 357 -7.80 -0.04 18.75
C LEU A 357 -7.21 -0.93 17.68
N ILE A 358 -6.12 -1.61 18.08
CA ILE A 358 -5.42 -2.63 17.35
C ILE A 358 -6.16 -3.94 17.68
N THR A 359 -6.67 -4.04 18.93
CA THR A 359 -7.47 -5.15 19.48
C THR A 359 -8.92 -5.01 18.93
N PRO A 360 -9.35 -5.80 17.91
CA PRO A 360 -10.68 -5.59 17.29
C PRO A 360 -11.87 -5.69 18.26
N ASN A 361 -11.84 -6.60 19.25
CA ASN A 361 -12.93 -6.63 20.23
C ASN A 361 -12.38 -6.95 21.62
N PRO A 362 -11.96 -5.93 22.39
CA PRO A 362 -11.46 -6.20 23.74
C PRO A 362 -12.62 -6.72 24.65
N THR A 363 -12.41 -7.93 25.19
CA THR A 363 -13.38 -8.61 26.05
C THR A 363 -12.71 -9.21 27.27
N ILE A 364 -13.53 -9.50 28.29
CA ILE A 364 -13.12 -10.24 29.47
C ILE A 364 -13.79 -11.59 29.32
N GLU A 365 -12.97 -12.66 29.24
CA GLU A 365 -13.49 -14.02 29.10
C GLU A 365 -13.52 -14.74 30.47
N ASN A 366 -14.15 -15.91 30.52
CA ASN A 366 -14.18 -16.74 31.73
C ASN A 366 -12.78 -17.27 31.99
N ASN A 367 -12.06 -17.56 30.87
CA ASN A 367 -10.67 -18.05 30.82
C ASN A 367 -9.64 -16.92 31.09
N GLY A 368 -9.60 -15.92 30.21
CA GLY A 368 -8.66 -14.79 30.27
C GLY A 368 -9.21 -13.41 29.95
N GLY A 369 -8.65 -12.78 28.92
CA GLY A 369 -9.02 -11.44 28.49
C GLY A 369 -8.53 -10.29 29.36
N GLY A 370 -8.48 -9.09 28.78
CA GLY A 370 -8.05 -7.87 29.48
C GLY A 370 -6.93 -7.11 28.81
N PHE A 371 -6.32 -7.67 27.77
CA PHE A 371 -5.23 -7.01 27.06
C PHE A 371 -5.79 -6.09 25.97
N ILE A 372 -5.36 -4.80 25.96
CA ILE A 372 -5.80 -3.79 24.99
C ILE A 372 -4.60 -3.12 24.32
N GLU A 373 -4.61 -3.06 22.97
CA GLU A 373 -3.59 -2.37 22.18
C GLU A 373 -4.26 -1.30 21.36
N MET A 374 -3.65 -0.12 21.30
CA MET A 374 -4.23 0.97 20.53
C MET A 374 -3.18 1.95 20.03
N GLN A 375 -3.58 2.76 19.03
CA GLN A 375 -2.85 3.91 18.53
C GLN A 375 -3.51 5.14 19.13
N LEU A 376 -2.71 6.17 19.43
CA LEU A 376 -3.29 7.38 19.99
C LEU A 376 -2.71 8.61 19.29
N PRO A 377 -3.46 9.73 19.20
CA PRO A 377 -2.89 10.93 18.58
C PRO A 377 -1.68 11.47 19.35
N PRO A 378 -0.75 12.23 18.70
CA PRO A 378 0.36 12.83 19.46
C PRO A 378 -0.13 13.80 20.54
N GLY A 379 0.60 13.85 21.64
CA GLY A 379 0.29 14.75 22.75
C GLY A 379 -0.28 14.12 24.00
N ASP A 380 -1.04 14.92 24.78
CA ASP A 380 -1.64 14.47 26.03
C ASP A 380 -3.01 13.86 25.79
N ASN A 381 -3.14 12.60 26.20
CA ASN A 381 -4.36 11.80 26.08
C ASN A 381 -4.78 11.24 27.42
N ILE A 382 -6.05 10.82 27.53
CA ILE A 382 -6.57 10.14 28.72
C ILE A 382 -7.31 8.90 28.25
N ILE A 383 -6.77 7.72 28.59
CA ILE A 383 -7.35 6.41 28.27
C ILE A 383 -8.42 6.09 29.33
N TYR A 384 -9.62 5.64 28.87
CA TYR A 384 -10.72 5.24 29.75
C TYR A 384 -11.13 3.79 29.51
N VAL A 385 -11.05 2.96 30.55
CA VAL A 385 -11.49 1.57 30.55
C VAL A 385 -12.63 1.58 31.59
N GLY A 386 -13.78 2.07 31.13
CA GLY A 386 -14.93 2.31 31.98
C GLY A 386 -14.63 3.57 32.77
N GLU A 387 -14.79 3.50 34.09
CA GLU A 387 -14.50 4.63 34.97
C GLU A 387 -12.99 4.72 35.29
N LEU A 388 -12.23 3.64 34.98
CA LEU A 388 -10.79 3.52 35.17
C LEU A 388 -10.07 4.37 34.12
N SER A 389 -9.23 5.29 34.56
CA SER A 389 -8.53 6.18 33.64
C SER A 389 -7.03 6.26 33.91
N HIS A 390 -6.29 6.59 32.86
CA HIS A 390 -4.86 6.77 32.89
C HIS A 390 -4.44 7.73 31.82
N GLN A 391 -3.66 8.73 32.20
CA GLN A 391 -3.12 9.67 31.23
C GLN A 391 -1.97 9.03 30.45
N TRP A 392 -1.86 9.39 29.17
CA TRP A 392 -0.82 8.87 28.28
C TRP A 392 -0.29 10.00 27.39
N PHE A 393 1.03 10.22 27.43
CA PHE A 393 1.65 11.17 26.52
C PHE A 393 2.19 10.42 25.30
N GLN A 394 1.73 10.82 24.11
CA GLN A 394 2.13 10.20 22.86
C GLN A 394 3.14 11.09 22.15
N LYS A 395 4.38 10.59 21.99
CA LYS A 395 5.45 11.31 21.28
C LYS A 395 5.12 11.38 19.79
N GLY A 396 5.57 12.44 19.12
CA GLY A 396 5.39 12.61 17.69
C GLY A 396 6.30 11.71 16.87
N SER A 397 6.11 11.70 15.55
CA SER A 397 6.90 10.90 14.62
C SER A 397 8.30 11.49 14.43
N SER A 398 9.28 10.60 14.12
CA SER A 398 10.68 10.97 13.91
C SER A 398 11.36 10.00 12.94
N ILE A 399 12.26 10.48 12.06
CA ILE A 399 13.01 9.58 11.14
C ILE A 399 14.19 8.95 11.93
N GLY A 400 14.51 9.53 13.09
CA GLY A 400 15.58 9.11 13.98
C GLY A 400 16.42 10.28 14.44
N ARG A 401 17.36 9.99 15.35
CA ARG A 401 18.30 10.94 15.93
C ARG A 401 19.37 11.28 14.94
N VAL A 402 19.84 12.52 14.99
CA VAL A 402 20.86 12.98 14.09
C VAL A 402 22.20 12.27 14.39
N PHE A 403 22.82 11.73 13.33
CA PHE A 403 24.10 11.04 13.30
C PHE A 403 25.17 11.93 12.63
N GLN A 404 26.36 12.07 13.25
CA GLN A 404 27.50 12.87 12.74
C GLN A 404 28.83 12.08 12.80
N ARG B 2 -11.21 -22.54 -19.33
CA ARG B 2 -10.31 -21.59 -18.67
C ARG B 2 -10.98 -20.91 -17.47
N CYS B 3 -12.28 -20.53 -17.65
CA CYS B 3 -13.10 -19.90 -16.64
C CYS B 3 -13.57 -20.95 -15.64
N THR B 4 -13.38 -20.65 -14.37
CA THR B 4 -13.86 -21.47 -13.25
C THR B 4 -15.29 -21.00 -12.95
N HIS B 5 -16.06 -21.86 -12.31
CA HIS B 5 -17.43 -21.61 -11.97
C HIS B 5 -17.54 -21.16 -10.56
N LEU B 6 -18.50 -20.26 -10.31
CA LEU B 6 -18.79 -19.70 -9.02
C LEU B 6 -19.38 -20.78 -8.13
N GLU B 7 -18.86 -20.88 -6.91
CA GLU B 7 -19.28 -21.85 -5.91
C GLU B 7 -20.26 -21.25 -4.90
N ASN B 8 -21.07 -22.12 -4.25
CA ASN B 8 -22.08 -21.77 -3.24
C ASN B 8 -21.55 -20.92 -2.08
N ARG B 9 -20.33 -21.23 -1.62
CA ARG B 9 -19.64 -20.59 -0.50
C ARG B 9 -19.26 -19.17 -0.81
N ASP B 10 -19.10 -18.82 -2.10
CA ASP B 10 -18.64 -17.53 -2.59
C ASP B 10 -19.75 -16.50 -2.80
N PHE B 11 -21.00 -16.82 -2.46
CA PHE B 11 -22.11 -15.88 -2.56
C PHE B 11 -23.14 -16.13 -1.47
N VAL B 12 -23.87 -15.07 -1.08
CA VAL B 12 -24.89 -15.08 -0.04
C VAL B 12 -26.15 -14.33 -0.58
N THR B 13 -27.32 -14.93 -0.36
CA THR B 13 -28.61 -14.41 -0.82
C THR B 13 -29.44 -13.96 0.38
N GLY B 14 -29.81 -12.68 0.36
CA GLY B 14 -30.59 -12.03 1.42
C GLY B 14 -32.09 -12.26 1.35
N THR B 15 -32.75 -11.92 2.46
CA THR B 15 -34.20 -12.04 2.67
C THR B 15 -34.94 -11.07 1.74
N GLN B 16 -34.37 -9.87 1.50
CA GLN B 16 -34.92 -8.83 0.64
C GLN B 16 -34.44 -8.95 -0.84
N GLY B 17 -34.10 -10.17 -1.26
CA GLY B 17 -33.67 -10.51 -2.62
C GLY B 17 -32.32 -10.02 -3.13
N THR B 18 -31.38 -9.62 -2.24
CA THR B 18 -30.04 -9.18 -2.67
C THR B 18 -29.04 -10.34 -2.62
N THR B 19 -28.26 -10.53 -3.72
CA THR B 19 -27.20 -11.54 -3.80
C THR B 19 -25.84 -10.83 -3.79
N ARG B 20 -24.96 -11.24 -2.88
CA ARG B 20 -23.61 -10.69 -2.78
C ARG B 20 -22.63 -11.78 -3.15
N VAL B 21 -21.94 -11.58 -4.27
CA VAL B 21 -20.97 -12.50 -4.86
C VAL B 21 -19.55 -11.94 -4.59
N THR B 22 -18.63 -12.77 -4.10
CA THR B 22 -17.27 -12.31 -3.89
C THR B 22 -16.35 -13.05 -4.88
N LEU B 23 -15.80 -12.30 -5.85
CA LEU B 23 -14.89 -12.76 -6.89
C LEU B 23 -13.46 -12.29 -6.61
N VAL B 24 -12.48 -13.18 -6.83
CA VAL B 24 -11.04 -12.94 -6.78
C VAL B 24 -10.57 -13.16 -8.20
N LEU B 25 -10.17 -12.06 -8.87
CA LEU B 25 -9.78 -12.11 -10.27
C LEU B 25 -8.36 -11.69 -10.44
N GLU B 26 -7.48 -12.67 -10.64
CA GLU B 26 -6.05 -12.47 -10.87
C GLU B 26 -5.91 -12.14 -12.34
N LEU B 27 -4.86 -11.43 -12.72
CA LEU B 27 -4.65 -11.05 -14.11
C LEU B 27 -4.71 -12.29 -15.03
N GLY B 28 -5.68 -12.27 -15.94
CA GLY B 28 -5.94 -13.34 -16.90
C GLY B 28 -6.86 -14.45 -16.39
N GLY B 29 -7.32 -14.30 -15.16
CA GLY B 29 -8.20 -15.24 -14.48
C GLY B 29 -9.63 -14.85 -14.68
N CYS B 30 -10.45 -15.84 -15.03
CA CYS B 30 -11.85 -15.64 -15.35
C CYS B 30 -12.77 -16.52 -14.50
N VAL B 31 -13.92 -15.96 -14.08
CA VAL B 31 -14.97 -16.62 -13.29
C VAL B 31 -16.29 -16.52 -14.06
N THR B 32 -17.01 -17.66 -14.21
CA THR B 32 -18.31 -17.70 -14.85
C THR B 32 -19.38 -17.66 -13.76
N ILE B 33 -20.21 -16.64 -13.82
CA ILE B 33 -21.36 -16.47 -12.92
C ILE B 33 -22.62 -16.78 -13.76
N THR B 34 -23.56 -17.53 -13.18
CA THR B 34 -24.76 -17.89 -13.93
C THR B 34 -26.02 -17.87 -13.03
N ALA B 35 -27.14 -17.37 -13.58
CA ALA B 35 -28.44 -17.28 -12.91
C ALA B 35 -29.45 -18.14 -13.67
N GLU B 36 -30.45 -18.71 -12.95
CA GLU B 36 -31.49 -19.57 -13.55
C GLU B 36 -32.25 -18.83 -14.68
N GLY B 37 -32.24 -19.44 -15.87
CA GLY B 37 -32.91 -18.94 -17.07
C GLY B 37 -32.17 -17.87 -17.87
N LYS B 38 -31.11 -17.30 -17.29
CA LYS B 38 -30.30 -16.25 -17.91
C LYS B 38 -29.02 -16.85 -18.53
N PRO B 39 -28.45 -16.22 -19.60
CA PRO B 39 -27.21 -16.77 -20.17
C PRO B 39 -26.03 -16.60 -19.19
N SER B 40 -25.03 -17.48 -19.25
CA SER B 40 -23.85 -17.38 -18.37
C SER B 40 -23.02 -16.14 -18.71
N MET B 41 -22.38 -15.53 -17.70
CA MET B 41 -21.51 -14.38 -17.92
C MET B 41 -20.12 -14.69 -17.46
N ASP B 42 -19.12 -14.36 -18.28
CA ASP B 42 -17.70 -14.48 -17.95
C ASP B 42 -17.20 -13.14 -17.37
N VAL B 43 -16.55 -13.18 -16.22
CA VAL B 43 -15.99 -12.01 -15.53
C VAL B 43 -14.47 -12.21 -15.38
N TRP B 44 -13.64 -11.29 -15.91
CA TRP B 44 -12.18 -11.44 -15.78
C TRP B 44 -11.43 -10.11 -15.63
N LEU B 45 -10.22 -10.18 -15.03
CA LEU B 45 -9.31 -9.05 -14.96
C LEU B 45 -8.49 -9.09 -16.25
N ASP B 46 -8.69 -8.10 -17.13
CA ASP B 46 -8.08 -8.10 -18.44
C ASP B 46 -6.71 -7.41 -18.49
N ALA B 47 -6.54 -6.28 -17.77
CA ALA B 47 -5.27 -5.55 -17.84
C ALA B 47 -4.96 -4.80 -16.56
N ILE B 48 -3.66 -4.60 -16.31
CA ILE B 48 -3.12 -3.80 -15.23
C ILE B 48 -2.03 -2.96 -15.84
N TYR B 49 -2.19 -1.65 -15.84
CA TYR B 49 -1.23 -0.72 -16.42
C TYR B 49 -1.40 0.71 -15.94
N GLN B 50 -0.41 1.55 -16.25
CA GLN B 50 -0.43 2.98 -16.08
C GLN B 50 0.04 3.60 -17.40
N GLU B 51 -0.69 4.61 -17.91
CA GLU B 51 -0.31 5.30 -19.12
C GLU B 51 0.67 6.39 -18.76
N ASN B 52 1.83 6.41 -19.46
CA ASN B 52 2.91 7.40 -19.32
C ASN B 52 3.31 7.70 -17.87
N PRO B 53 3.97 6.76 -17.15
CA PRO B 53 4.41 7.04 -15.78
C PRO B 53 5.46 8.13 -15.77
N ALA B 54 5.57 8.87 -14.65
CA ALA B 54 6.49 9.97 -14.47
C ALA B 54 7.93 9.54 -14.73
N LYS B 55 8.61 10.31 -15.55
CA LYS B 55 10.01 10.09 -15.81
C LYS B 55 10.83 10.60 -14.57
N THR B 56 11.81 9.82 -14.10
CA THR B 56 12.70 10.22 -13.01
C THR B 56 14.11 10.44 -13.62
N ARG B 57 15.19 9.99 -12.96
CA ARG B 57 16.55 10.13 -13.48
C ARG B 57 16.77 9.47 -14.83
N GLU B 58 17.65 10.10 -15.60
CA GLU B 58 18.19 9.62 -16.83
C GLU B 58 19.64 9.32 -16.53
N TYR B 59 20.11 8.12 -16.88
CA TYR B 59 21.50 7.74 -16.70
C TYR B 59 22.17 7.71 -18.09
N CYS B 60 23.42 8.13 -18.15
CA CYS B 60 24.16 8.12 -19.39
C CYS B 60 24.95 6.83 -19.48
N LEU B 61 24.78 6.09 -20.58
CA LEU B 61 25.49 4.84 -20.82
C LEU B 61 26.77 5.07 -21.65
N HIS B 62 26.84 6.17 -22.40
CA HIS B 62 27.99 6.46 -23.23
C HIS B 62 28.24 7.97 -23.30
N ALA B 63 29.39 8.39 -22.80
CA ALA B 63 29.80 9.79 -22.76
C ALA B 63 30.13 10.37 -24.16
N LYS B 64 29.66 11.61 -24.45
CA LYS B 64 29.92 12.38 -25.67
C LYS B 64 30.78 13.59 -25.29
N LEU B 65 32.08 13.30 -25.00
CA LEU B 65 33.09 14.27 -24.59
C LEU B 65 33.51 15.16 -25.76
N SER B 66 33.52 16.47 -25.52
CA SER B 66 33.86 17.51 -26.51
C SER B 66 35.38 17.73 -26.62
N ASP B 67 35.84 19.00 -26.45
CA ASP B 67 37.22 19.46 -26.65
C ASP B 67 38.10 19.43 -25.38
N THR B 68 39.27 18.76 -25.49
CA THR B 68 40.27 18.60 -24.41
C THR B 68 41.24 19.83 -24.40
N LYS B 69 41.01 20.78 -23.44
CA LYS B 69 41.80 21.99 -23.29
C LYS B 69 42.92 21.77 -22.27
N GLU B 85 36.81 25.33 -16.31
CA GLU B 85 37.01 24.63 -15.04
C GLU B 85 36.04 25.13 -13.97
N HIS B 86 35.67 26.42 -14.03
CA HIS B 86 34.69 27.05 -13.13
C HIS B 86 33.29 26.98 -13.80
N GLN B 87 33.22 26.24 -14.93
CA GLN B 87 32.03 26.03 -15.75
C GLN B 87 31.28 24.73 -15.36
N GLY B 88 29.96 24.74 -15.62
CA GLY B 88 29.06 23.63 -15.37
C GLY B 88 28.85 22.79 -16.61
N GLY B 89 29.23 21.52 -16.50
CA GLY B 89 29.16 20.53 -17.58
C GLY B 89 30.52 20.14 -18.13
N THR B 90 31.54 20.05 -17.25
CA THR B 90 32.92 19.69 -17.60
C THR B 90 33.54 18.72 -16.59
N VAL B 91 34.54 17.94 -17.04
CA VAL B 91 35.32 16.99 -16.22
C VAL B 91 36.77 17.48 -16.26
N CYS B 92 37.41 17.65 -15.08
CA CYS B 92 38.75 18.22 -15.00
C CYS B 92 39.71 17.42 -14.12
N LYS B 93 41.04 17.66 -14.32
CA LYS B 93 42.18 17.13 -13.53
C LYS B 93 43.46 17.98 -13.77
N ALA B 115 43.84 19.52 -17.79
CA ALA B 115 42.96 19.61 -18.97
C ALA B 115 41.50 19.26 -18.63
N CYS B 116 40.56 20.00 -19.26
CA CYS B 116 39.12 19.91 -19.10
C CYS B 116 38.39 19.65 -20.43
N VAL B 117 37.37 18.76 -20.39
CA VAL B 117 36.55 18.37 -21.54
C VAL B 117 35.04 18.49 -21.20
N LYS B 118 34.22 19.05 -22.14
CA LYS B 118 32.78 19.17 -21.93
C LYS B 118 32.15 17.76 -22.06
N ALA B 119 31.39 17.34 -21.04
CA ALA B 119 30.79 16.00 -21.05
C ALA B 119 29.26 16.03 -21.19
N ALA B 120 28.78 15.45 -22.29
CA ALA B 120 27.38 15.27 -22.67
C ALA B 120 27.13 13.77 -22.90
N CYS B 121 25.92 13.40 -23.34
CA CYS B 121 25.62 11.98 -23.57
C CYS B 121 25.52 11.71 -25.04
N GLU B 122 25.87 10.48 -25.46
CA GLU B 122 25.79 10.07 -26.85
C GLU B 122 24.32 9.92 -27.27
N ALA B 123 24.05 10.10 -28.57
CA ALA B 123 22.72 9.99 -29.16
C ALA B 123 22.13 8.60 -28.89
N LYS B 124 20.90 8.57 -28.35
CA LYS B 124 20.13 7.36 -28.03
C LYS B 124 20.91 6.40 -27.06
N LYS B 125 21.77 6.95 -26.16
CA LYS B 125 22.56 6.16 -25.21
C LYS B 125 22.20 6.44 -23.75
N LYS B 126 20.91 6.71 -23.48
CA LYS B 126 20.38 6.93 -22.14
C LYS B 126 19.65 5.69 -21.62
N ALA B 127 19.60 5.56 -20.28
CA ALA B 127 18.84 4.54 -19.58
C ALA B 127 17.93 5.34 -18.63
N THR B 128 16.64 5.49 -19.01
CA THR B 128 15.72 6.33 -18.28
C THR B 128 14.89 5.57 -17.23
N GLY B 129 14.69 6.23 -16.10
CA GLY B 129 13.85 5.72 -15.03
C GLY B 129 12.44 6.30 -15.10
N HIS B 130 11.45 5.49 -14.73
CA HIS B 130 10.04 5.86 -14.65
C HIS B 130 9.50 5.29 -13.37
N VAL B 131 8.70 6.09 -12.64
CA VAL B 131 8.07 5.71 -11.37
C VAL B 131 6.57 5.60 -11.58
N TYR B 132 5.95 4.60 -10.98
CA TYR B 132 4.50 4.47 -11.05
C TYR B 132 3.85 5.38 -9.97
N ASP B 133 2.59 5.73 -10.19
CA ASP B 133 1.75 6.38 -9.22
C ASP B 133 0.75 5.32 -8.94
N ALA B 134 0.86 4.71 -7.75
CA ALA B 134 0.03 3.59 -7.33
C ALA B 134 -1.47 3.88 -7.49
N ASN B 135 -1.86 5.17 -7.35
CA ASN B 135 -3.28 5.54 -7.45
C ASN B 135 -3.72 5.76 -8.88
N LYS B 136 -2.76 5.81 -9.82
CA LYS B 136 -3.01 6.01 -11.26
C LYS B 136 -2.97 4.70 -12.07
N ILE B 137 -2.70 3.56 -11.43
CA ILE B 137 -2.68 2.27 -12.11
C ILE B 137 -4.14 1.80 -12.33
N VAL B 138 -4.47 1.38 -13.55
CA VAL B 138 -5.81 0.98 -13.97
C VAL B 138 -5.91 -0.53 -14.03
N TYR B 139 -6.96 -1.07 -13.39
CA TYR B 139 -7.30 -2.50 -13.37
C TYR B 139 -8.60 -2.63 -14.13
N THR B 140 -8.53 -3.13 -15.37
CA THR B 140 -9.71 -3.24 -16.25
C THR B 140 -10.38 -4.62 -16.17
N VAL B 141 -11.62 -4.64 -15.68
CA VAL B 141 -12.47 -5.82 -15.51
C VAL B 141 -13.41 -5.86 -16.69
N LYS B 142 -13.52 -7.02 -17.35
CA LYS B 142 -14.44 -7.18 -18.49
C LYS B 142 -15.51 -8.23 -18.17
N VAL B 143 -16.74 -8.01 -18.64
CA VAL B 143 -17.91 -8.88 -18.44
C VAL B 143 -18.48 -9.16 -19.80
N GLU B 144 -18.68 -10.44 -20.12
CA GLU B 144 -19.11 -10.86 -21.44
C GLU B 144 -19.93 -12.15 -21.36
N PRO B 145 -21.04 -12.31 -22.14
CA PRO B 145 -21.80 -13.57 -22.08
C PRO B 145 -21.01 -14.78 -22.59
N HIS B 146 -21.43 -16.00 -22.14
CA HIS B 146 -20.92 -17.37 -22.41
C HIS B 146 -19.91 -17.78 -21.34
N ARG B 160 -20.95 -7.30 -24.10
CA ARG B 160 -19.66 -7.12 -23.45
C ARG B 160 -19.51 -5.71 -22.82
N LYS B 161 -19.31 -5.70 -21.50
CA LYS B 161 -19.16 -4.51 -20.65
C LYS B 161 -17.72 -4.39 -20.12
N THR B 162 -17.28 -3.15 -19.82
CA THR B 162 -15.93 -2.86 -19.32
C THR B 162 -16.04 -1.90 -18.13
N ALA B 163 -15.22 -2.17 -17.09
CA ALA B 163 -15.10 -1.33 -15.92
C ALA B 163 -13.68 -1.26 -15.48
N SER B 164 -13.18 -0.05 -15.27
CA SER B 164 -11.82 0.22 -14.80
C SER B 164 -11.83 0.74 -13.37
N PHE B 165 -10.86 0.24 -12.57
CA PHE B 165 -10.70 0.59 -11.18
C PHE B 165 -9.27 1.03 -10.91
N THR B 166 -9.11 1.77 -9.80
CA THR B 166 -7.83 2.25 -9.26
C THR B 166 -7.93 2.12 -7.76
N ILE B 167 -6.86 2.47 -7.01
CA ILE B 167 -6.94 2.48 -5.55
C ILE B 167 -8.08 3.44 -5.11
N SER B 168 -8.20 4.59 -5.82
CA SER B 168 -9.13 5.68 -5.56
C SER B 168 -10.54 5.47 -6.11
N SER B 169 -10.68 4.73 -7.22
CA SER B 169 -11.98 4.45 -7.84
C SER B 169 -12.30 2.99 -7.69
N GLU B 170 -13.19 2.67 -6.75
CA GLU B 170 -13.58 1.32 -6.35
C GLU B 170 -14.96 0.87 -6.76
N LYS B 171 -15.92 1.79 -6.83
CA LYS B 171 -17.33 1.45 -7.07
C LYS B 171 -17.89 2.01 -8.40
N THR B 172 -18.68 1.17 -9.06
CA THR B 172 -19.34 1.47 -10.31
C THR B 172 -20.60 0.57 -10.41
N ILE B 173 -21.60 1.04 -11.14
CA ILE B 173 -22.84 0.31 -11.40
C ILE B 173 -22.81 0.00 -12.89
N LEU B 174 -22.98 -1.26 -13.25
CA LEU B 174 -23.01 -1.73 -14.63
C LEU B 174 -24.38 -2.25 -15.00
N THR B 175 -24.89 -1.99 -16.23
CA THR B 175 -26.16 -2.60 -16.64
C THR B 175 -25.81 -3.86 -17.45
N MET B 176 -25.74 -5.03 -16.75
CA MET B 176 -25.38 -6.36 -17.29
C MET B 176 -26.50 -6.98 -18.19
N GLY B 177 -27.45 -6.14 -18.61
CA GLY B 177 -28.55 -6.52 -19.47
C GLY B 177 -29.51 -7.49 -18.82
N GLU B 178 -29.30 -8.78 -19.10
CA GLU B 178 -30.14 -9.90 -18.64
C GLU B 178 -30.15 -10.03 -17.11
N TYR B 179 -29.07 -9.56 -16.46
CA TYR B 179 -28.88 -9.58 -14.99
C TYR B 179 -29.31 -8.25 -14.30
N GLY B 180 -29.70 -7.25 -15.10
CA GLY B 180 -30.12 -5.93 -14.63
C GLY B 180 -28.95 -5.12 -14.11
N ASP B 181 -29.24 -4.15 -13.24
CA ASP B 181 -28.20 -3.28 -12.66
C ASP B 181 -27.37 -4.07 -11.65
N VAL B 182 -26.06 -4.17 -11.89
CA VAL B 182 -25.13 -4.90 -11.02
C VAL B 182 -24.11 -3.90 -10.45
N SER B 183 -24.03 -3.84 -9.10
CA SER B 183 -23.05 -3.00 -8.43
C SER B 183 -21.77 -3.78 -8.38
N LEU B 184 -20.67 -3.14 -8.81
CA LEU B 184 -19.33 -3.71 -8.83
C LEU B 184 -18.42 -2.91 -7.92
N LEU B 185 -17.94 -3.52 -6.86
CA LEU B 185 -17.02 -2.87 -5.93
C LEU B 185 -15.73 -3.67 -5.93
N CYS B 186 -14.69 -3.19 -6.62
CA CYS B 186 -13.44 -3.94 -6.76
C CYS B 186 -12.28 -3.27 -6.07
N ARG B 187 -11.68 -4.00 -5.12
CA ARG B 187 -10.48 -3.57 -4.42
C ARG B 187 -9.28 -4.09 -5.21
N VAL B 188 -8.49 -3.17 -5.75
CA VAL B 188 -7.32 -3.49 -6.56
C VAL B 188 -6.13 -3.85 -5.65
N ALA B 189 -5.23 -4.70 -6.15
CA ALA B 189 -4.05 -5.15 -5.41
C ALA B 189 -2.92 -5.46 -6.36
N SER B 190 -1.93 -4.56 -6.40
CA SER B 190 -0.71 -4.69 -7.18
C SER B 190 0.04 -5.98 -6.79
N GLY B 191 0.61 -6.65 -7.79
CA GLY B 191 1.42 -7.84 -7.56
C GLY B 191 2.86 -7.47 -7.35
N VAL B 192 3.18 -6.18 -7.49
CA VAL B 192 4.51 -5.57 -7.41
C VAL B 192 4.52 -4.51 -6.30
N ASP B 193 5.54 -4.52 -5.43
CA ASP B 193 5.81 -3.49 -4.43
C ASP B 193 6.29 -2.26 -5.23
N LEU B 194 5.36 -1.38 -5.61
CA LEU B 194 5.57 -0.22 -6.47
C LEU B 194 6.50 0.81 -5.90
N ALA B 195 6.50 0.98 -4.57
CA ALA B 195 7.35 1.94 -3.89
C ALA B 195 8.82 1.58 -4.06
N GLN B 196 9.14 0.28 -4.21
CA GLN B 196 10.52 -0.18 -4.38
C GLN B 196 10.88 -0.50 -5.83
N THR B 197 10.03 -0.10 -6.80
CA THR B 197 10.20 -0.36 -8.21
C THR B 197 10.50 0.89 -8.98
N VAL B 198 11.37 0.75 -9.99
CA VAL B 198 11.68 1.74 -11.02
C VAL B 198 11.62 1.02 -12.36
N ILE B 199 11.03 1.64 -13.38
CA ILE B 199 11.03 1.11 -14.74
C ILE B 199 12.27 1.66 -15.43
N LEU B 200 13.24 0.81 -15.77
CA LEU B 200 14.46 1.21 -16.47
C LEU B 200 14.26 0.90 -17.93
N GLU B 201 14.35 1.92 -18.77
CA GLU B 201 14.08 1.81 -20.20
C GLU B 201 15.23 2.34 -21.02
N LEU B 202 15.60 1.62 -22.09
CA LEU B 202 16.63 2.06 -23.02
C LEU B 202 15.98 2.82 -24.19
N ASP B 203 16.79 3.65 -24.91
CA ASP B 203 16.33 4.42 -26.07
C ASP B 203 16.13 3.51 -27.30
N PRO B 210 15.67 -6.57 -25.24
CA PRO B 210 14.53 -6.02 -24.49
C PRO B 210 14.72 -4.53 -24.15
N THR B 211 13.66 -3.73 -24.29
CA THR B 211 13.68 -2.28 -24.06
C THR B 211 13.65 -1.89 -22.57
N ALA B 212 12.73 -2.47 -21.77
CA ALA B 212 12.52 -2.07 -20.38
C ALA B 212 12.49 -3.19 -19.35
N TRP B 213 12.88 -2.84 -18.12
CA TRP B 213 12.92 -3.74 -16.96
C TRP B 213 12.34 -3.11 -15.75
N GLN B 214 11.91 -3.96 -14.80
CA GLN B 214 11.48 -3.58 -13.47
C GLN B 214 12.66 -3.78 -12.58
N VAL B 215 13.26 -2.67 -12.13
CA VAL B 215 14.44 -2.75 -11.26
C VAL B 215 14.08 -2.25 -9.85
N HIS B 216 14.90 -2.59 -8.86
CA HIS B 216 14.72 -2.13 -7.50
C HIS B 216 15.15 -0.66 -7.39
N ARG B 217 14.40 0.15 -6.59
CA ARG B 217 14.69 1.56 -6.36
C ARG B 217 16.12 1.79 -5.82
N ASP B 218 16.54 0.97 -4.84
CA ASP B 218 17.85 1.07 -4.20
C ASP B 218 18.98 0.76 -5.19
N TRP B 219 18.71 -0.10 -6.19
CA TRP B 219 19.66 -0.45 -7.23
C TRP B 219 19.78 0.70 -8.21
N PHE B 220 18.64 1.21 -8.67
CA PHE B 220 18.53 2.32 -9.62
C PHE B 220 19.19 3.59 -9.09
N ASN B 221 18.87 3.96 -7.85
CA ASN B 221 19.37 5.17 -7.22
C ASN B 221 20.88 5.17 -7.01
N ASP B 222 21.49 3.99 -6.86
CA ASP B 222 22.91 3.90 -6.60
C ASP B 222 23.71 3.50 -7.86
N LEU B 223 23.05 3.48 -9.06
CA LEU B 223 23.72 3.18 -10.35
C LEU B 223 24.93 4.07 -10.57
N ALA B 224 26.11 3.45 -10.72
CA ALA B 224 27.36 4.17 -10.87
C ALA B 224 27.55 4.74 -12.30
N LEU B 225 26.63 5.60 -12.71
CA LEU B 225 26.62 6.25 -14.01
C LEU B 225 26.29 7.74 -13.90
N PRO B 226 26.69 8.61 -14.87
CA PRO B 226 26.29 10.03 -14.79
C PRO B 226 24.78 10.17 -14.92
N TRP B 227 24.19 11.13 -14.22
CA TRP B 227 22.74 11.27 -14.28
C TRP B 227 22.28 12.71 -14.31
N LYS B 228 21.02 12.90 -14.71
CA LYS B 228 20.33 14.18 -14.74
C LYS B 228 18.83 13.91 -14.89
N HIS B 229 18.04 14.97 -14.69
CA HIS B 229 16.60 14.95 -14.86
C HIS B 229 16.30 15.64 -16.16
N GLU B 230 15.27 15.18 -16.88
CA GLU B 230 14.83 15.75 -18.17
C GLU B 230 14.59 17.25 -18.00
N GLY B 231 15.35 18.06 -18.74
CA GLY B 231 15.23 19.51 -18.61
C GLY B 231 16.47 20.17 -18.06
N ALA B 232 17.28 19.42 -17.31
CA ALA B 232 18.54 19.92 -16.78
C ALA B 232 19.53 20.00 -17.91
N GLN B 233 20.36 21.06 -17.84
CA GLN B 233 21.36 21.35 -18.86
C GLN B 233 22.65 20.54 -18.64
N ASN B 234 22.90 19.98 -17.43
CA ASN B 234 24.17 19.27 -17.20
C ASN B 234 24.03 17.94 -16.47
N TRP B 235 25.01 17.07 -16.73
CA TRP B 235 25.11 15.73 -16.14
C TRP B 235 25.83 15.80 -14.82
N ASN B 236 25.31 15.10 -13.82
CA ASN B 236 25.89 14.95 -12.52
C ASN B 236 26.77 13.72 -12.55
N ASN B 237 27.94 13.78 -11.90
CA ASN B 237 28.93 12.71 -11.78
C ASN B 237 29.38 12.16 -13.15
N ALA B 238 29.67 13.09 -14.09
CA ALA B 238 30.11 12.79 -15.45
C ALA B 238 31.50 12.12 -15.48
N GLU B 239 32.29 12.30 -14.40
CA GLU B 239 33.62 11.74 -14.23
C GLU B 239 33.58 10.20 -14.14
N ARG B 240 32.38 9.61 -13.98
CA ARG B 240 32.18 8.16 -13.91
C ARG B 240 32.45 7.50 -15.26
N LEU B 241 32.47 8.29 -16.35
CA LEU B 241 32.72 7.77 -17.70
C LEU B 241 33.94 8.46 -18.36
N VAL B 242 34.72 9.25 -17.57
CA VAL B 242 35.96 9.89 -17.98
C VAL B 242 37.10 9.29 -17.14
N GLU B 243 38.23 9.01 -17.81
CA GLU B 243 39.47 8.47 -17.23
C GLU B 243 40.63 9.39 -17.64
N PHE B 244 41.50 9.74 -16.68
CA PHE B 244 42.67 10.59 -16.97
C PHE B 244 43.98 9.79 -16.84
N GLY B 245 44.78 9.84 -17.90
CA GLY B 245 46.09 9.18 -17.93
C GLY B 245 47.20 10.07 -17.42
N ALA B 246 48.42 9.52 -17.32
CA ALA B 246 49.61 10.25 -16.89
C ALA B 246 49.89 11.42 -17.87
N PRO B 247 50.23 12.64 -17.36
CA PRO B 247 50.46 13.77 -18.28
C PRO B 247 51.73 13.63 -19.10
N HIS B 248 51.67 14.10 -20.35
CA HIS B 248 52.78 14.11 -21.30
C HIS B 248 53.45 15.51 -21.27
N ALA B 249 53.35 16.22 -20.10
CA ALA B 249 53.89 17.54 -19.74
C ALA B 249 53.28 18.71 -20.56
N VAL B 250 53.13 18.54 -21.88
CA VAL B 250 52.56 19.54 -22.80
C VAL B 250 51.07 19.25 -23.03
N LYS B 251 50.64 17.98 -22.84
CA LYS B 251 49.27 17.53 -23.02
C LYS B 251 48.94 16.41 -22.01
N MET B 252 47.69 16.36 -21.49
CA MET B 252 47.26 15.30 -20.57
C MET B 252 46.25 14.39 -21.25
N ASP B 253 46.44 13.07 -21.08
CA ASP B 253 45.63 12.02 -21.69
C ASP B 253 44.21 11.98 -21.06
N VAL B 254 43.18 12.06 -21.91
CA VAL B 254 41.76 12.01 -21.53
C VAL B 254 41.08 10.86 -22.28
N TYR B 255 40.68 9.83 -21.54
CA TYR B 255 40.02 8.64 -22.06
C TYR B 255 38.53 8.58 -21.66
N ASN B 256 37.73 8.04 -22.57
CA ASN B 256 36.30 7.79 -22.44
C ASN B 256 36.15 6.30 -22.16
N LEU B 257 35.49 5.92 -21.03
CA LEU B 257 35.30 4.50 -20.65
C LEU B 257 34.45 3.68 -21.65
N GLY B 258 33.92 4.33 -22.68
CA GLY B 258 33.14 3.66 -23.70
C GLY B 258 31.69 3.39 -23.33
N ASP B 259 30.96 2.75 -24.28
CA ASP B 259 29.55 2.40 -24.13
C ASP B 259 29.40 1.29 -23.11
N GLN B 260 28.59 1.56 -22.08
CA GLN B 260 28.35 0.67 -20.95
C GLN B 260 27.06 -0.16 -21.10
N THR B 261 26.36 -0.04 -22.26
CA THR B 261 25.12 -0.77 -22.54
C THR B 261 25.30 -2.26 -22.25
N GLY B 262 26.41 -2.84 -22.74
CA GLY B 262 26.77 -4.24 -22.57
C GLY B 262 26.89 -4.72 -21.14
N VAL B 263 27.57 -3.94 -20.30
CA VAL B 263 27.78 -4.21 -18.88
C VAL B 263 26.40 -4.16 -18.17
N LEU B 264 25.54 -3.17 -18.57
CA LEU B 264 24.21 -2.99 -18.00
C LEU B 264 23.32 -4.18 -18.34
N LEU B 265 23.27 -4.57 -19.63
CA LEU B 265 22.48 -5.70 -20.11
C LEU B 265 22.84 -7.01 -19.38
N LYS B 266 24.14 -7.20 -19.06
CA LYS B 266 24.66 -8.34 -18.32
C LYS B 266 24.12 -8.35 -16.87
N ALA B 267 24.01 -7.17 -16.24
CA ALA B 267 23.49 -7.00 -14.87
C ALA B 267 21.98 -7.19 -14.82
N LEU B 268 21.29 -6.88 -15.91
CA LEU B 268 19.84 -6.98 -16.02
C LEU B 268 19.37 -8.38 -16.46
N ALA B 269 20.28 -9.34 -16.48
CA ALA B 269 19.94 -10.71 -16.86
C ALA B 269 19.01 -11.36 -15.80
N GLY B 270 17.91 -11.93 -16.26
CA GLY B 270 16.95 -12.59 -15.38
C GLY B 270 16.03 -11.66 -14.61
N VAL B 271 16.27 -10.34 -14.71
CA VAL B 271 15.48 -9.29 -14.06
C VAL B 271 14.11 -9.19 -14.81
N PRO B 272 12.96 -9.05 -14.09
CA PRO B 272 11.66 -8.95 -14.78
C PRO B 272 11.59 -7.81 -15.78
N VAL B 273 11.12 -8.13 -16.99
CA VAL B 273 10.95 -7.18 -18.07
C VAL B 273 9.65 -6.39 -17.86
N ALA B 274 9.67 -5.09 -18.27
CA ALA B 274 8.52 -4.19 -18.23
C ALA B 274 7.85 -4.20 -19.59
N HIS B 275 6.59 -4.58 -19.64
CA HIS B 275 5.89 -4.69 -20.90
C HIS B 275 5.19 -3.38 -21.24
N ILE B 276 5.76 -2.64 -22.19
CA ILE B 276 5.24 -1.35 -22.68
C ILE B 276 4.50 -1.54 -24.01
N GLU B 277 3.19 -1.26 -24.01
CA GLU B 277 2.30 -1.37 -25.18
C GLU B 277 1.84 0.06 -25.52
N GLY B 278 2.67 0.79 -26.29
CA GLY B 278 2.44 2.17 -26.65
C GLY B 278 2.76 3.08 -25.49
N THR B 279 1.71 3.66 -24.87
CA THR B 279 1.84 4.53 -23.68
C THR B 279 1.55 3.72 -22.41
N LYS B 280 0.84 2.59 -22.58
CA LYS B 280 0.46 1.68 -21.49
C LYS B 280 1.67 0.89 -20.95
N TYR B 281 2.08 1.20 -19.71
CA TYR B 281 3.13 0.47 -18.98
C TYR B 281 2.45 -0.63 -18.18
N HIS B 282 2.46 -1.85 -18.69
CA HIS B 282 1.80 -2.99 -18.07
C HIS B 282 2.54 -3.62 -16.91
N LEU B 283 1.74 -4.23 -16.04
CA LEU B 283 2.11 -5.05 -14.90
C LEU B 283 1.61 -6.45 -15.21
N LYS B 284 2.40 -7.51 -14.94
CA LYS B 284 1.99 -8.89 -15.29
C LYS B 284 1.58 -9.68 -14.04
N SER B 285 1.50 -8.98 -12.92
CA SER B 285 1.12 -9.50 -11.63
C SER B 285 0.13 -8.55 -10.95
N GLY B 286 -0.81 -9.14 -10.22
CA GLY B 286 -1.84 -8.39 -9.53
C GLY B 286 -3.19 -9.03 -9.71
N HIS B 287 -4.11 -8.64 -8.86
CA HIS B 287 -5.47 -9.09 -8.86
C HIS B 287 -6.41 -7.97 -8.35
N VAL B 288 -7.69 -8.28 -8.37
CA VAL B 288 -8.80 -7.44 -7.96
C VAL B 288 -9.75 -8.38 -7.15
N THR B 289 -10.30 -7.90 -6.03
CA THR B 289 -11.25 -8.64 -5.22
C THR B 289 -12.54 -7.81 -5.28
N CYS B 290 -13.55 -8.35 -5.99
CA CYS B 290 -14.83 -7.71 -6.27
C CYS B 290 -15.95 -8.27 -5.43
N GLU B 291 -16.79 -7.34 -4.95
CA GLU B 291 -18.03 -7.57 -4.26
C GLU B 291 -19.07 -7.19 -5.30
N VAL B 292 -19.77 -8.19 -5.86
CA VAL B 292 -20.75 -8.02 -6.94
C VAL B 292 -22.13 -8.15 -6.32
N GLY B 293 -22.93 -7.10 -6.46
CA GLY B 293 -24.28 -6.98 -5.96
C GLY B 293 -25.29 -7.16 -7.07
N LEU B 294 -26.10 -8.21 -6.95
CA LEU B 294 -27.14 -8.54 -7.93
C LEU B 294 -28.50 -8.47 -7.25
N GLU B 295 -29.53 -8.11 -8.03
CA GLU B 295 -30.94 -7.95 -7.62
C GLU B 295 -31.85 -8.97 -8.22
N LYS B 296 -32.88 -9.38 -7.43
CA LYS B 296 -33.98 -10.29 -7.76
C LYS B 296 -33.58 -11.37 -8.79
N LEU B 297 -32.70 -12.29 -8.38
CA LEU B 297 -32.25 -13.37 -9.27
C LEU B 297 -31.81 -14.62 -8.51
N LYS B 298 -32.21 -15.78 -9.07
CA LYS B 298 -31.96 -17.11 -8.57
C LYS B 298 -30.57 -17.52 -9.02
N MET B 299 -29.59 -17.25 -8.15
CA MET B 299 -28.18 -17.51 -8.42
C MET B 299 -27.86 -19.02 -8.28
N LYS B 300 -27.42 -19.65 -9.40
CA LYS B 300 -27.07 -21.08 -9.53
C LYS B 300 -25.85 -21.40 -8.67
N GLY B 301 -26.05 -22.36 -7.76
CA GLY B 301 -25.01 -22.80 -6.83
C GLY B 301 -24.36 -24.12 -7.21
N LEU B 302 -23.07 -24.06 -7.59
CA LEU B 302 -22.29 -25.23 -7.98
C LEU B 302 -21.17 -25.49 -6.97
N THR B 303 -20.90 -26.76 -6.68
CA THR B 303 -19.82 -27.13 -5.76
C THR B 303 -19.00 -28.25 -6.42
N TYR B 304 -17.68 -28.01 -6.49
CA TYR B 304 -16.71 -28.91 -7.11
C TYR B 304 -16.37 -30.05 -6.20
N THR B 305 -16.23 -31.23 -6.77
CA THR B 305 -15.73 -32.38 -6.02
C THR B 305 -14.21 -32.34 -6.15
N MET B 306 -13.46 -32.99 -5.26
CA MET B 306 -12.02 -32.97 -5.38
C MET B 306 -11.54 -33.94 -6.46
N CYS B 307 -10.59 -33.49 -7.32
CA CYS B 307 -9.99 -34.30 -8.37
C CYS B 307 -9.30 -35.50 -7.74
N ASP B 308 -9.35 -36.67 -8.44
CA ASP B 308 -8.67 -37.89 -8.03
C ASP B 308 -7.16 -37.62 -8.04
N LYS B 309 -6.54 -37.72 -6.86
CA LYS B 309 -5.10 -37.49 -6.63
C LYS B 309 -4.17 -38.41 -7.46
N THR B 310 -4.70 -39.54 -7.94
CA THR B 310 -3.93 -40.54 -8.71
C THR B 310 -3.95 -40.33 -10.24
N LYS B 311 -4.66 -39.30 -10.75
CA LYS B 311 -4.83 -39.12 -12.21
C LYS B 311 -4.27 -37.79 -12.76
N PHE B 312 -3.15 -37.30 -12.19
CA PHE B 312 -2.48 -36.10 -12.64
C PHE B 312 -1.14 -36.41 -13.28
N THR B 313 -0.72 -35.58 -14.25
CA THR B 313 0.56 -35.66 -14.98
C THR B 313 1.05 -34.25 -15.29
N TRP B 314 2.38 -34.06 -15.43
CA TRP B 314 2.91 -32.72 -15.72
C TRP B 314 2.86 -32.35 -17.23
N LYS B 315 2.03 -31.37 -17.57
CA LYS B 315 1.99 -30.79 -18.91
C LYS B 315 3.19 -29.85 -19.04
N ARG B 316 3.46 -29.11 -17.96
CA ARG B 316 4.54 -28.17 -17.77
C ARG B 316 4.97 -28.24 -16.30
N ALA B 317 6.20 -28.67 -16.08
CA ALA B 317 6.79 -28.81 -14.75
C ALA B 317 7.03 -27.43 -14.15
N PRO B 318 7.05 -27.28 -12.79
CA PRO B 318 7.23 -25.94 -12.16
C PRO B 318 8.38 -25.09 -12.72
N THR B 319 8.10 -23.82 -13.05
CA THR B 319 9.07 -22.90 -13.63
C THR B 319 8.84 -21.44 -13.24
N ASP B 320 9.86 -20.58 -13.40
CA ASP B 320 9.75 -19.15 -13.14
C ASP B 320 8.80 -18.49 -14.15
N SER B 321 7.86 -17.69 -13.66
CA SER B 321 6.86 -16.98 -14.45
C SER B 321 7.40 -15.74 -15.18
N GLY B 322 8.48 -15.20 -14.65
CA GLY B 322 9.09 -13.98 -15.17
C GLY B 322 8.67 -12.75 -14.38
N HIS B 323 7.89 -12.96 -13.29
CA HIS B 323 7.39 -11.92 -12.40
C HIS B 323 7.28 -12.40 -10.96
N ASP B 324 8.34 -13.10 -10.48
CA ASP B 324 8.53 -13.56 -9.12
C ASP B 324 7.47 -14.53 -8.59
N THR B 325 6.97 -15.40 -9.46
CA THR B 325 6.02 -16.45 -9.06
C THR B 325 6.49 -17.76 -9.73
N VAL B 326 5.83 -18.87 -9.41
CA VAL B 326 6.07 -20.21 -9.95
C VAL B 326 4.81 -20.60 -10.71
N VAL B 327 5.00 -21.03 -11.95
CA VAL B 327 3.91 -21.47 -12.82
C VAL B 327 4.12 -22.95 -13.20
N MET B 328 3.00 -23.63 -13.52
CA MET B 328 2.96 -25.04 -13.89
C MET B 328 1.62 -25.34 -14.54
N GLU B 329 1.57 -26.49 -15.22
CA GLU B 329 0.41 -27.03 -15.89
C GLU B 329 0.36 -28.51 -15.67
N VAL B 330 -0.84 -29.00 -15.38
CA VAL B 330 -1.09 -30.41 -15.16
C VAL B 330 -2.19 -30.87 -16.12
N THR B 331 -2.14 -32.16 -16.50
CA THR B 331 -3.18 -32.81 -17.28
C THR B 331 -3.97 -33.71 -16.33
N PHE B 332 -5.29 -33.91 -16.54
CA PHE B 332 -6.10 -34.78 -15.69
C PHE B 332 -6.83 -35.83 -16.54
N SER B 333 -6.67 -37.13 -16.19
CA SER B 333 -7.28 -38.24 -16.95
C SER B 333 -8.58 -38.82 -16.32
N GLY B 334 -9.03 -38.25 -15.21
CA GLY B 334 -10.23 -38.65 -14.48
C GLY B 334 -11.48 -37.89 -14.88
N THR B 335 -12.57 -38.03 -14.06
CA THR B 335 -13.86 -37.38 -14.34
C THR B 335 -13.85 -35.88 -13.93
N LYS B 336 -14.24 -35.05 -14.90
CA LYS B 336 -14.27 -33.59 -14.87
C LYS B 336 -15.73 -33.05 -14.84
N PRO B 337 -15.97 -31.82 -14.34
CA PRO B 337 -14.99 -30.89 -13.73
C PRO B 337 -14.75 -31.19 -12.24
N CYS B 338 -13.58 -30.80 -11.73
CA CYS B 338 -13.24 -31.01 -10.33
C CYS B 338 -12.22 -29.97 -9.85
N ARG B 339 -12.03 -29.89 -8.52
CA ARG B 339 -11.05 -29.03 -7.86
C ARG B 339 -9.69 -29.74 -7.77
N ILE B 340 -8.62 -29.08 -8.24
CA ILE B 340 -7.25 -29.63 -8.21
C ILE B 340 -6.67 -29.62 -6.76
N PRO B 341 -6.23 -30.77 -6.20
CA PRO B 341 -5.58 -30.73 -4.87
C PRO B 341 -4.14 -30.20 -4.98
N VAL B 342 -3.88 -28.96 -4.50
CA VAL B 342 -2.56 -28.34 -4.60
C VAL B 342 -2.01 -27.99 -3.22
N ARG B 343 -0.76 -28.39 -2.95
CA ARG B 343 -0.07 -28.04 -1.72
C ARG B 343 1.44 -28.07 -1.95
N ALA B 344 2.23 -27.51 -1.02
CA ALA B 344 3.69 -27.49 -1.10
C ALA B 344 4.27 -27.53 0.31
N VAL B 345 5.46 -28.14 0.43
CA VAL B 345 6.17 -28.22 1.69
C VAL B 345 7.55 -27.60 1.54
N ALA B 346 8.03 -26.95 2.61
CA ALA B 346 9.36 -26.36 2.63
C ALA B 346 10.22 -27.13 3.62
N HIS B 347 11.54 -27.13 3.41
CA HIS B 347 12.57 -27.82 4.22
C HIS B 347 12.33 -27.74 5.76
N GLY B 348 11.85 -26.58 6.22
CA GLY B 348 11.56 -26.26 7.63
C GLY B 348 10.53 -27.10 8.35
N SER B 349 9.49 -27.61 7.62
CA SER B 349 8.42 -28.48 8.17
C SER B 349 7.71 -29.33 7.08
N PRO B 350 7.38 -30.61 7.35
CA PRO B 350 6.68 -31.40 6.32
C PRO B 350 5.15 -31.36 6.40
N ASP B 351 4.62 -30.77 7.46
CA ASP B 351 3.18 -30.78 7.81
C ASP B 351 2.44 -29.53 7.34
N VAL B 352 3.14 -28.40 7.29
CA VAL B 352 2.58 -27.11 6.96
C VAL B 352 2.59 -26.89 5.43
N ASN B 353 1.44 -26.45 4.91
CA ASN B 353 1.32 -26.07 3.52
C ASN B 353 1.88 -24.65 3.34
N VAL B 354 2.87 -24.52 2.43
CA VAL B 354 3.56 -23.23 2.18
C VAL B 354 3.25 -22.67 0.78
N ALA B 355 2.35 -23.31 0.03
CA ALA B 355 1.91 -22.81 -1.27
C ALA B 355 0.98 -21.62 -1.08
N MET B 356 1.29 -20.51 -1.76
CA MET B 356 0.44 -19.33 -1.67
C MET B 356 -0.01 -19.09 -3.07
N LEU B 357 -1.19 -19.64 -3.39
CA LEU B 357 -1.69 -19.61 -4.75
C LEU B 357 -2.09 -18.24 -5.19
N ILE B 358 -1.70 -17.93 -6.43
CA ILE B 358 -2.07 -16.72 -7.17
C ILE B 358 -3.40 -17.07 -7.87
N THR B 359 -3.56 -18.35 -8.27
CA THR B 359 -4.75 -18.95 -8.89
C THR B 359 -5.78 -19.17 -7.75
N PRO B 360 -6.86 -18.33 -7.64
CA PRO B 360 -7.78 -18.46 -6.49
C PRO B 360 -8.46 -19.83 -6.36
N ASN B 361 -8.85 -20.46 -7.47
CA ASN B 361 -9.42 -21.80 -7.36
C ASN B 361 -8.93 -22.69 -8.53
N PRO B 362 -7.79 -23.39 -8.37
CA PRO B 362 -7.32 -24.26 -9.46
C PRO B 362 -8.29 -25.44 -9.64
N THR B 363 -8.85 -25.53 -10.87
CA THR B 363 -9.83 -26.54 -11.27
C THR B 363 -9.50 -27.14 -12.60
N ILE B 364 -10.10 -28.30 -12.86
CA ILE B 364 -10.04 -28.96 -14.15
C ILE B 364 -11.46 -28.84 -14.67
N GLU B 365 -11.65 -28.11 -15.77
CA GLU B 365 -12.95 -27.92 -16.42
C GLU B 365 -13.12 -28.92 -17.57
N ASN B 366 -14.24 -28.85 -18.29
CA ASN B 366 -14.44 -29.64 -19.49
C ASN B 366 -13.70 -28.90 -20.62
N ASN B 367 -13.72 -27.54 -20.51
CA ASN B 367 -13.14 -26.53 -21.40
C ASN B 367 -11.75 -26.08 -20.92
N GLY B 368 -10.90 -27.06 -20.59
CA GLY B 368 -9.55 -26.73 -20.13
C GLY B 368 -9.34 -26.69 -18.62
N GLY B 369 -8.38 -25.89 -18.21
CA GLY B 369 -7.94 -25.82 -16.81
C GLY B 369 -6.70 -26.67 -16.63
N GLY B 370 -6.06 -26.53 -15.47
CA GLY B 370 -4.81 -27.21 -15.15
C GLY B 370 -3.64 -26.30 -14.89
N PHE B 371 -3.81 -24.99 -15.15
CA PHE B 371 -2.75 -24.01 -14.94
C PHE B 371 -2.78 -23.51 -13.48
N ILE B 372 -1.62 -23.58 -12.80
CA ILE B 372 -1.46 -23.19 -11.39
C ILE B 372 -0.30 -22.21 -11.24
N GLU B 373 -0.57 -21.06 -10.59
CA GLU B 373 0.44 -20.06 -10.27
C GLU B 373 0.52 -19.89 -8.76
N MET B 374 1.73 -19.84 -8.23
CA MET B 374 1.88 -19.69 -6.79
C MET B 374 3.17 -18.99 -6.40
N GLN B 375 3.21 -18.51 -5.17
CA GLN B 375 4.40 -17.98 -4.51
C GLN B 375 4.90 -19.08 -3.59
N LEU B 376 6.21 -19.19 -3.42
CA LEU B 376 6.75 -20.20 -2.53
C LEU B 376 7.82 -19.59 -1.64
N PRO B 377 8.03 -20.09 -0.39
CA PRO B 377 9.12 -19.55 0.45
C PRO B 377 10.49 -19.74 -0.20
N PRO B 378 11.50 -18.91 0.16
CA PRO B 378 12.86 -19.14 -0.37
C PRO B 378 13.43 -20.50 0.07
N GLY B 379 14.23 -21.11 -0.79
CA GLY B 379 14.85 -22.41 -0.51
C GLY B 379 14.31 -23.60 -1.25
N ASP B 380 14.49 -24.77 -0.65
CA ASP B 380 14.04 -26.04 -1.20
C ASP B 380 12.60 -26.33 -0.81
N ASN B 381 11.74 -26.52 -1.83
CA ASN B 381 10.31 -26.81 -1.68
C ASN B 381 9.93 -28.04 -2.47
N ILE B 382 8.75 -28.65 -2.13
CA ILE B 382 8.20 -29.78 -2.88
C ILE B 382 6.75 -29.47 -3.14
N ILE B 383 6.39 -29.30 -4.42
CA ILE B 383 5.02 -29.02 -4.89
C ILE B 383 4.30 -30.35 -5.07
N TYR B 384 3.05 -30.42 -4.57
CA TYR B 384 2.18 -31.59 -4.69
C TYR B 384 0.89 -31.22 -5.35
N VAL B 385 0.55 -31.94 -6.43
CA VAL B 385 -0.71 -31.84 -7.18
C VAL B 385 -1.31 -33.27 -7.06
N GLY B 386 -1.88 -33.54 -5.90
CA GLY B 386 -2.38 -34.86 -5.53
C GLY B 386 -1.17 -35.71 -5.21
N GLU B 387 -1.05 -36.88 -5.82
CA GLU B 387 0.10 -37.76 -5.62
C GLU B 387 1.32 -37.35 -6.50
N LEU B 388 1.08 -36.44 -7.45
CA LEU B 388 2.07 -35.90 -8.38
C LEU B 388 2.92 -34.87 -7.64
N SER B 389 4.25 -35.04 -7.66
CA SER B 389 5.16 -34.13 -6.97
C SER B 389 6.34 -33.69 -7.81
N HIS B 390 6.89 -32.53 -7.47
CA HIS B 390 8.04 -31.91 -8.12
C HIS B 390 8.74 -30.98 -7.15
N GLN B 391 10.07 -31.12 -7.03
CA GLN B 391 10.84 -30.20 -6.21
C GLN B 391 11.02 -28.86 -6.94
N TRP B 392 11.07 -27.77 -6.16
CA TRP B 392 11.27 -26.41 -6.66
C TRP B 392 12.21 -25.63 -5.73
N PHE B 393 13.30 -25.10 -6.30
CA PHE B 393 14.21 -24.23 -5.55
C PHE B 393 13.81 -22.78 -5.78
N GLN B 394 13.52 -22.06 -4.70
CA GLN B 394 13.13 -20.67 -4.76
C GLN B 394 14.27 -19.78 -4.33
N LYS B 395 14.78 -18.95 -5.26
CA LYS B 395 15.85 -18.00 -4.99
C LYS B 395 15.31 -16.87 -4.05
N GLY B 396 16.19 -16.35 -3.20
CA GLY B 396 15.84 -15.29 -2.27
C GLY B 396 15.78 -13.95 -2.95
N SER B 397 15.37 -12.91 -2.21
CA SER B 397 15.23 -11.54 -2.71
C SER B 397 16.59 -10.88 -2.92
N SER B 398 16.64 -9.90 -3.84
CA SER B 398 17.83 -9.17 -4.25
C SER B 398 17.45 -7.81 -4.85
N ILE B 399 18.26 -6.76 -4.60
CA ILE B 399 17.98 -5.45 -5.20
C ILE B 399 18.55 -5.45 -6.65
N GLY B 400 19.42 -6.41 -6.95
CA GLY B 400 20.06 -6.58 -8.24
C GLY B 400 21.55 -6.85 -8.12
N ARG B 401 22.16 -7.18 -9.27
CA ARG B 401 23.58 -7.46 -9.43
C ARG B 401 24.37 -6.21 -9.38
N VAL B 402 25.60 -6.32 -8.87
CA VAL B 402 26.50 -5.19 -8.73
C VAL B 402 26.91 -4.71 -10.17
N PHE B 403 26.69 -3.43 -10.46
CA PHE B 403 27.03 -2.84 -11.73
C PHE B 403 28.35 -2.02 -11.58
N GLN B 404 29.30 -2.18 -12.55
CA GLN B 404 30.59 -1.46 -12.59
C GLN B 404 30.75 -0.57 -13.87
N GLY B 405 30.41 0.73 -13.75
N SER C 1 -28.45 18.97 0.82
CA SER C 1 -27.58 17.89 1.29
C SER C 1 -27.00 17.06 0.15
N ARG C 2 -25.71 16.73 0.27
CA ARG C 2 -25.03 15.86 -0.68
C ARG C 2 -25.12 14.38 -0.16
N CYS C 3 -26.03 14.09 0.82
CA CYS C 3 -26.14 12.70 1.27
C CYS C 3 -27.01 11.95 0.34
N THR C 4 -26.47 10.82 -0.10
CA THR C 4 -27.02 9.81 -0.97
C THR C 4 -27.74 8.85 -0.07
N HIS C 5 -28.77 8.20 -0.58
CA HIS C 5 -29.53 7.21 0.15
C HIS C 5 -29.00 5.85 -0.16
N LEU C 6 -29.03 4.97 0.85
CA LEU C 6 -28.57 3.59 0.77
C LEU C 6 -29.48 2.83 -0.16
N GLU C 7 -28.88 2.09 -1.09
CA GLU C 7 -29.59 1.29 -2.08
C GLU C 7 -29.68 -0.19 -1.66
N ASN C 8 -30.67 -0.92 -2.22
CA ASN C 8 -30.91 -2.35 -1.96
C ASN C 8 -29.70 -3.26 -2.20
N ARG C 9 -28.93 -2.97 -3.25
CA ARG C 9 -27.72 -3.68 -3.69
C ARG C 9 -26.58 -3.57 -2.69
N ASP C 10 -26.60 -2.52 -1.86
CA ASP C 10 -25.53 -2.20 -0.93
C ASP C 10 -25.70 -2.83 0.46
N PHE C 11 -26.72 -3.68 0.66
CA PHE C 11 -26.91 -4.36 1.93
C PHE C 11 -27.55 -5.73 1.73
N VAL C 12 -27.36 -6.63 2.71
CA VAL C 12 -27.87 -8.01 2.73
C VAL C 12 -28.45 -8.29 4.13
N THR C 13 -29.64 -8.92 4.19
CA THR C 13 -30.31 -9.29 5.44
C THR C 13 -30.36 -10.81 5.56
N GLY C 14 -29.78 -11.30 6.64
CA GLY C 14 -29.66 -12.72 6.93
C GLY C 14 -30.88 -13.35 7.55
N THR C 15 -30.91 -14.69 7.54
CA THR C 15 -31.95 -15.56 8.06
C THR C 15 -32.02 -15.44 9.60
N GLN C 16 -30.87 -15.24 10.24
CA GLN C 16 -30.70 -15.10 11.69
C GLN C 16 -30.72 -13.60 12.13
N GLY C 17 -31.43 -12.76 11.37
CA GLY C 17 -31.61 -11.33 11.64
C GLY C 17 -30.45 -10.36 11.55
N THR C 18 -29.35 -10.73 10.87
CA THR C 18 -28.19 -9.82 10.72
C THR C 18 -28.25 -9.04 9.41
N THR C 19 -28.04 -7.71 9.45
CA THR C 19 -27.96 -6.86 8.25
C THR C 19 -26.48 -6.42 8.05
N ARG C 20 -25.92 -6.71 6.86
CA ARG C 20 -24.56 -6.34 6.48
C ARG C 20 -24.69 -5.23 5.41
N VAL C 21 -24.10 -4.04 5.68
CA VAL C 21 -24.23 -2.83 4.84
C VAL C 21 -22.86 -2.36 4.37
N THR C 22 -22.66 -2.25 3.06
CA THR C 22 -21.38 -1.77 2.57
C THR C 22 -21.54 -0.32 2.11
N LEU C 23 -20.72 0.55 2.70
CA LEU C 23 -20.62 1.98 2.40
C LEU C 23 -19.26 2.34 1.84
N VAL C 24 -19.23 3.17 0.79
CA VAL C 24 -18.02 3.73 0.16
C VAL C 24 -18.12 5.21 0.44
N LEU C 25 -17.25 5.71 1.32
CA LEU C 25 -17.29 7.11 1.76
C LEU C 25 -16.02 7.82 1.37
N GLU C 26 -16.09 8.62 0.30
CA GLU C 26 -14.97 9.44 -0.17
C GLU C 26 -14.95 10.69 0.72
N LEU C 27 -13.80 11.33 0.83
CA LEU C 27 -13.70 12.53 1.66
C LEU C 27 -14.76 13.57 1.29
N GLY C 28 -15.65 13.86 2.26
CA GLY C 28 -16.75 14.81 2.14
C GLY C 28 -18.04 14.20 1.62
N GLY C 29 -18.00 12.91 1.34
CA GLY C 29 -19.12 12.13 0.82
C GLY C 29 -19.91 11.53 1.95
N CYS C 30 -21.22 11.61 1.85
CA CYS C 30 -22.13 11.17 2.89
C CYS C 30 -23.20 10.21 2.36
N VAL C 31 -23.57 9.20 3.18
CA VAL C 31 -24.62 8.22 2.91
C VAL C 31 -25.62 8.22 4.05
N THR C 32 -26.92 8.28 3.74
CA THR C 32 -28.01 8.21 4.72
C THR C 32 -28.52 6.79 4.78
N ILE C 33 -28.38 6.17 5.97
CA ILE C 33 -28.88 4.83 6.26
C ILE C 33 -30.15 4.99 7.12
N THR C 34 -31.21 4.22 6.80
CA THR C 34 -32.46 4.35 7.52
C THR C 34 -33.13 2.99 7.77
N ALA C 35 -33.63 2.80 9.00
CA ALA C 35 -34.36 1.61 9.49
C ALA C 35 -35.84 1.92 9.77
N GLU C 36 -36.73 0.89 9.63
CA GLU C 36 -38.17 1.02 9.86
C GLU C 36 -38.49 1.41 11.32
N GLY C 37 -39.15 2.57 11.50
CA GLY C 37 -39.54 3.08 12.82
C GLY C 37 -38.47 3.81 13.61
N LYS C 38 -37.24 3.74 13.11
CA LYS C 38 -36.08 4.38 13.69
C LYS C 38 -35.72 5.65 12.89
N PRO C 39 -35.11 6.70 13.49
CA PRO C 39 -34.74 7.88 12.69
C PRO C 39 -33.56 7.58 11.74
N SER C 40 -33.48 8.31 10.63
CA SER C 40 -32.41 8.17 9.66
C SER C 40 -31.09 8.70 10.23
N MET C 41 -29.96 8.13 9.77
CA MET C 41 -28.61 8.52 10.21
C MET C 41 -27.76 8.86 9.02
N ASP C 42 -27.01 9.95 9.12
CA ASP C 42 -26.02 10.38 8.11
C ASP C 42 -24.64 9.81 8.49
N VAL C 43 -23.97 9.16 7.55
CA VAL C 43 -22.64 8.57 7.73
C VAL C 43 -21.68 9.22 6.71
N TRP C 44 -20.58 9.87 7.17
CA TRP C 44 -19.65 10.48 6.23
C TRP C 44 -18.19 10.42 6.67
N LEU C 45 -17.26 10.51 5.68
CA LEU C 45 -15.84 10.60 5.94
C LEU C 45 -15.57 12.10 6.12
N ASP C 46 -15.22 12.51 7.34
CA ASP C 46 -15.06 13.92 7.67
C ASP C 46 -13.65 14.44 7.44
N ALA C 47 -12.60 13.65 7.74
CA ALA C 47 -11.23 14.12 7.61
C ALA C 47 -10.23 13.00 7.33
N ILE C 48 -9.13 13.36 6.65
CA ILE C 48 -7.98 12.50 6.39
C ILE C 48 -6.76 13.35 6.69
N TYR C 49 -5.95 12.95 7.67
CA TYR C 49 -4.80 13.71 8.12
C TYR C 49 -3.85 12.87 8.97
N GLN C 50 -2.66 13.42 9.18
CA GLN C 50 -1.68 12.94 10.14
C GLN C 50 -1.22 14.15 10.95
N GLU C 51 -1.18 14.01 12.28
CA GLU C 51 -0.71 15.08 13.14
C GLU C 51 0.81 15.00 13.24
N ASN C 52 1.48 16.12 13.00
CA ASN C 52 2.94 16.29 13.07
C ASN C 52 3.73 15.15 12.39
N PRO C 53 3.75 15.06 11.03
CA PRO C 53 4.55 14.02 10.37
C PRO C 53 6.04 14.28 10.61
N ALA C 54 6.86 13.22 10.56
CA ALA C 54 8.30 13.27 10.75
C ALA C 54 8.97 14.23 9.79
N LYS C 55 9.86 15.09 10.32
CA LYS C 55 10.73 16.03 9.59
C LYS C 55 11.87 15.26 8.95
N THR C 56 12.06 15.40 7.64
CA THR C 56 13.19 14.78 6.91
C THR C 56 14.20 15.92 6.65
N ARG C 57 14.80 15.98 5.44
CA ARG C 57 15.76 17.03 5.09
C ARG C 57 15.19 18.42 5.15
N GLU C 58 16.06 19.34 5.52
CA GLU C 58 15.87 20.76 5.48
C GLU C 58 16.75 21.25 4.37
N TYR C 59 16.23 22.03 3.44
CA TYR C 59 17.01 22.64 2.38
C TYR C 59 17.18 24.13 2.67
N CYS C 60 18.34 24.67 2.35
CA CYS C 60 18.61 26.09 2.57
C CYS C 60 18.32 26.83 1.30
N LEU C 61 17.48 27.86 1.40
CA LEU C 61 17.11 28.68 0.25
C LEU C 61 17.98 29.92 0.14
N HIS C 62 18.61 30.34 1.27
CA HIS C 62 19.45 31.51 1.29
C HIS C 62 20.60 31.35 2.28
N ALA C 63 21.84 31.31 1.77
CA ALA C 63 23.01 31.15 2.63
C ALA C 63 23.33 32.41 3.43
N LYS C 64 23.69 32.21 4.71
CA LYS C 64 24.17 33.20 5.68
C LYS C 64 25.66 32.90 5.85
N LEU C 65 26.53 33.86 5.53
CA LEU C 65 27.96 33.57 5.60
C LEU C 65 28.74 34.44 6.60
N SER C 66 29.96 33.97 6.94
CA SER C 66 30.91 34.69 7.79
C SER C 66 31.91 35.40 6.87
N ASP C 67 32.99 35.96 7.44
CA ASP C 67 34.04 36.68 6.69
C ASP C 67 35.08 35.69 6.10
N THR C 68 35.68 36.06 4.95
CA THR C 68 36.64 35.24 4.17
C THR C 68 38.00 35.00 4.94
N LYS C 69 38.79 33.99 4.46
CA LYS C 69 40.09 33.57 4.99
C LYS C 69 41.08 33.31 3.85
N GLY C 89 31.62 22.93 8.69
CA GLY C 89 30.68 24.00 8.38
C GLY C 89 31.30 25.18 7.67
N THR C 90 32.16 24.89 6.66
CA THR C 90 32.88 25.88 5.85
C THR C 90 32.93 25.48 4.37
N VAL C 91 33.07 26.49 3.48
CA VAL C 91 33.23 26.33 2.02
C VAL C 91 34.59 26.93 1.69
N CYS C 92 35.46 26.17 0.99
CA CYS C 92 36.83 26.59 0.72
C CYS C 92 37.22 26.56 -0.77
N LYS C 93 38.09 27.52 -1.16
CA LYS C 93 38.62 27.69 -2.51
C LYS C 93 39.66 26.62 -2.83
N VAL C 114 44.34 29.61 -0.49
CA VAL C 114 43.05 29.07 -0.05
C VAL C 114 42.28 30.14 0.77
N ALA C 115 40.98 30.31 0.45
CA ALA C 115 40.05 31.25 1.10
C ALA C 115 38.81 30.48 1.62
N CYS C 116 38.42 30.69 2.91
CA CYS C 116 37.28 29.97 3.50
C CYS C 116 36.28 30.88 4.19
N VAL C 117 34.98 30.47 4.14
CA VAL C 117 33.85 31.14 4.79
C VAL C 117 33.03 30.11 5.58
N LYS C 118 32.41 30.54 6.69
CA LYS C 118 31.50 29.71 7.47
C LYS C 118 30.12 29.85 6.84
N ALA C 119 29.51 28.71 6.42
CA ALA C 119 28.21 28.71 5.73
C ALA C 119 27.08 28.18 6.62
N ALA C 120 26.13 29.06 6.90
CA ALA C 120 24.91 28.79 7.65
C ALA C 120 23.71 29.20 6.79
N CYS C 121 22.50 29.10 7.33
CA CYS C 121 21.29 29.45 6.59
C CYS C 121 20.72 30.74 7.15
N GLU C 122 20.08 31.54 6.29
CA GLU C 122 19.46 32.78 6.72
C GLU C 122 18.22 32.49 7.55
N ALA C 123 17.86 33.43 8.43
CA ALA C 123 16.72 33.31 9.32
C ALA C 123 15.42 33.13 8.50
N LYS C 124 14.65 32.10 8.86
CA LYS C 124 13.36 31.75 8.24
C LYS C 124 13.48 31.49 6.70
N LYS C 125 14.66 31.02 6.22
CA LYS C 125 14.91 30.75 4.80
C LYS C 125 15.16 29.26 4.49
N LYS C 126 14.47 28.37 5.23
CA LYS C 126 14.52 26.92 5.00
C LYS C 126 13.30 26.43 4.26
N ALA C 127 13.45 25.32 3.56
CA ALA C 127 12.36 24.59 2.91
C ALA C 127 12.46 23.17 3.50
N THR C 128 11.58 22.84 4.45
CA THR C 128 11.61 21.59 5.16
C THR C 128 10.72 20.50 4.56
N GLY C 129 11.26 19.28 4.57
CA GLY C 129 10.54 18.09 4.15
C GLY C 129 9.92 17.35 5.32
N HIS C 130 8.74 16.76 5.10
CA HIS C 130 8.00 15.95 6.06
C HIS C 130 7.51 14.73 5.33
N VAL C 131 7.62 13.56 5.99
CA VAL C 131 7.18 12.24 5.47
C VAL C 131 6.00 11.75 6.25
N TYR C 132 4.99 11.19 5.55
CA TYR C 132 3.86 10.60 6.20
C TYR C 132 4.20 9.18 6.63
N ASP C 133 3.53 8.72 7.68
CA ASP C 133 3.59 7.33 8.12
C ASP C 133 2.22 6.86 7.77
N ALA C 134 2.15 6.05 6.70
CA ALA C 134 0.90 5.55 6.13
C ALA C 134 0.02 4.92 7.19
N ASN C 135 0.62 4.32 8.25
CA ASN C 135 -0.16 3.65 9.29
C ASN C 135 -0.63 4.60 10.37
N LYS C 136 -0.13 5.86 10.38
CA LYS C 136 -0.48 6.91 11.33
C LYS C 136 -1.50 7.92 10.78
N ILE C 137 -1.92 7.78 9.51
CA ILE C 137 -2.92 8.66 8.91
C ILE C 137 -4.31 8.25 9.45
N VAL C 138 -5.09 9.24 9.92
CA VAL C 138 -6.38 9.07 10.55
C VAL C 138 -7.49 9.41 9.57
N TYR C 139 -8.47 8.48 9.45
CA TYR C 139 -9.67 8.64 8.62
C TYR C 139 -10.84 8.71 9.59
N THR C 140 -11.37 9.90 9.82
CA THR C 140 -12.45 10.13 10.77
C THR C 140 -13.83 10.06 10.13
N VAL C 141 -14.62 9.03 10.54
CA VAL C 141 -16.00 8.78 10.10
C VAL C 141 -16.93 9.35 11.18
N LYS C 142 -17.92 10.14 10.77
CA LYS C 142 -18.89 10.70 11.71
C LYS C 142 -20.30 10.16 11.39
N VAL C 143 -21.10 9.90 12.44
CA VAL C 143 -22.47 9.41 12.34
C VAL C 143 -23.35 10.39 13.12
N GLU C 144 -24.39 10.98 12.47
CA GLU C 144 -25.29 12.01 13.03
C GLU C 144 -26.72 11.79 12.56
N PRO C 145 -27.79 11.92 13.40
CA PRO C 145 -29.17 11.76 12.88
C PRO C 145 -29.56 12.83 11.83
N HIS C 146 -30.58 12.50 10.99
CA HIS C 146 -31.22 13.25 9.88
C HIS C 146 -30.55 12.93 8.57
N ARG C 160 -24.67 12.38 17.87
CA ARG C 160 -23.52 12.38 16.97
C ARG C 160 -22.35 11.56 17.54
N LYS C 161 -21.92 10.53 16.80
CA LYS C 161 -20.83 9.62 17.12
C LYS C 161 -19.63 9.87 16.18
N THR C 162 -18.41 9.57 16.66
CA THR C 162 -17.15 9.73 15.91
C THR C 162 -16.31 8.47 16.04
N ALA C 163 -15.78 8.00 14.92
CA ALA C 163 -14.91 6.84 14.86
C ALA C 163 -13.77 7.13 13.90
N SER C 164 -12.54 6.89 14.36
CA SER C 164 -11.33 7.07 13.57
C SER C 164 -10.70 5.74 13.25
N PHE C 165 -10.18 5.64 12.01
CA PHE C 165 -9.54 4.44 11.49
C PHE C 165 -8.18 4.78 10.90
N THR C 166 -7.32 3.76 10.81
CA THR C 166 -5.98 3.79 10.22
C THR C 166 -5.82 2.50 9.45
N ILE C 167 -4.67 2.29 8.75
CA ILE C 167 -4.41 1.01 8.07
C ILE C 167 -4.47 -0.13 9.12
N SER C 168 -3.93 0.13 10.32
CA SER C 168 -3.80 -0.78 11.44
C SER C 168 -5.09 -0.95 12.28
N SER C 169 -5.87 0.12 12.45
CA SER C 169 -7.11 0.10 13.22
C SER C 169 -8.32 0.18 12.28
N GLU C 170 -8.97 -0.96 12.06
CA GLU C 170 -10.06 -1.17 11.13
C GLU C 170 -11.43 -1.37 11.78
N LYS C 171 -11.49 -1.95 12.99
CA LYS C 171 -12.77 -2.30 13.60
C LYS C 171 -13.09 -1.52 14.92
N THR C 172 -14.38 -1.10 15.06
CA THR C 172 -15.02 -0.52 16.25
C THR C 172 -16.44 -0.97 16.37
N ILE C 173 -16.94 -0.89 17.59
CA ILE C 173 -18.32 -1.13 17.92
C ILE C 173 -18.82 0.22 18.41
N LEU C 174 -19.92 0.70 17.83
CA LEU C 174 -20.50 1.99 18.20
C LEU C 174 -21.96 1.85 18.65
N THR C 175 -22.31 2.39 19.83
CA THR C 175 -23.70 2.30 20.30
C THR C 175 -24.49 3.49 19.68
N MET C 176 -25.14 3.25 18.50
CA MET C 176 -25.89 4.26 17.74
C MET C 176 -27.29 4.57 18.37
N GLY C 177 -27.45 4.19 19.64
CA GLY C 177 -28.66 4.43 20.40
C GLY C 177 -29.85 3.58 19.98
N GLU C 178 -30.72 4.12 19.08
CA GLU C 178 -31.92 3.41 18.63
C GLU C 178 -31.58 2.27 17.65
N TYR C 179 -30.35 2.23 17.16
CA TYR C 179 -29.90 1.15 16.27
C TYR C 179 -29.18 0.05 17.08
N GLY C 180 -28.97 0.30 18.39
CA GLY C 180 -28.30 -0.59 19.32
C GLY C 180 -26.80 -0.62 19.08
N ASP C 181 -26.17 -1.78 19.33
CA ASP C 181 -24.73 -1.96 19.09
C ASP C 181 -24.51 -2.27 17.62
N VAL C 182 -23.62 -1.48 17.03
CA VAL C 182 -23.33 -1.50 15.60
C VAL C 182 -21.84 -1.74 15.39
N SER C 183 -21.48 -2.78 14.64
CA SER C 183 -20.07 -3.00 14.32
C SER C 183 -19.74 -2.24 13.03
N LEU C 184 -18.63 -1.49 13.06
CA LEU C 184 -18.10 -0.68 11.95
C LEU C 184 -16.72 -1.16 11.58
N LEU C 185 -16.59 -1.62 10.34
CA LEU C 185 -15.33 -2.11 9.82
C LEU C 185 -14.99 -1.26 8.64
N CYS C 186 -13.96 -0.42 8.74
CA CYS C 186 -13.61 0.45 7.63
C CYS C 186 -12.20 0.26 7.15
N ARG C 187 -12.05 -0.09 5.86
CA ARG C 187 -10.78 -0.23 5.20
C ARG C 187 -10.44 1.14 4.59
N VAL C 188 -9.37 1.76 5.07
CA VAL C 188 -8.93 3.07 4.63
C VAL C 188 -8.13 2.95 3.33
N ALA C 189 -8.17 3.99 2.50
CA ALA C 189 -7.49 4.03 1.22
C ALA C 189 -7.09 5.45 0.87
N SER C 190 -5.78 5.71 0.98
CA SER C 190 -5.17 7.00 0.62
C SER C 190 -5.43 7.33 -0.86
N GLY C 191 -5.67 8.59 -1.16
CA GLY C 191 -5.84 9.07 -2.51
C GLY C 191 -4.52 9.51 -3.11
N VAL C 192 -3.45 9.48 -2.29
CA VAL C 192 -2.08 9.90 -2.60
C VAL C 192 -1.12 8.73 -2.42
N ASP C 193 -0.23 8.48 -3.38
CA ASP C 193 0.85 7.48 -3.26
C ASP C 193 1.85 8.06 -2.25
N LEU C 194 1.67 7.71 -0.98
CA LEU C 194 2.42 8.28 0.15
C LEU C 194 3.91 8.01 0.12
N ALA C 195 4.32 6.85 -0.36
CA ALA C 195 5.72 6.44 -0.49
C ALA C 195 6.46 7.37 -1.42
N GLN C 196 5.79 7.94 -2.43
CA GLN C 196 6.43 8.86 -3.40
C GLN C 196 6.18 10.34 -3.09
N THR C 197 5.64 10.67 -1.89
CA THR C 197 5.30 12.02 -1.48
C THR C 197 6.19 12.50 -0.38
N VAL C 198 6.54 13.81 -0.44
CA VAL C 198 7.21 14.59 0.60
C VAL C 198 6.39 15.89 0.74
N ILE C 199 6.13 16.33 1.99
CA ILE C 199 5.49 17.62 2.25
C ILE C 199 6.61 18.66 2.33
N LEU C 200 6.68 19.60 1.37
CA LEU C 200 7.68 20.68 1.35
C LEU C 200 7.02 21.92 1.93
N GLU C 201 7.59 22.45 3.00
CA GLU C 201 7.02 23.55 3.74
C GLU C 201 8.03 24.65 3.92
N LEU C 202 7.59 25.91 3.72
CA LEU C 202 8.43 27.08 3.95
C LEU C 202 8.21 27.60 5.37
N ASP C 203 9.17 28.40 5.88
CA ASP C 203 9.12 28.96 7.24
C ASP C 203 8.08 30.10 7.33
N LYS C 204 7.33 30.15 8.45
C LEU C 209 -0.11 31.13 0.86
N PRO C 210 0.32 30.30 -0.10
CA PRO C 210 0.58 28.88 0.23
C PRO C 210 2.04 28.65 0.66
N THR C 211 2.19 28.13 1.89
CA THR C 211 3.47 27.84 2.54
C THR C 211 3.89 26.36 2.36
N ALA C 212 2.96 25.44 2.00
CA ALA C 212 3.33 24.04 1.87
C ALA C 212 2.75 23.36 0.63
N TRP C 213 3.49 22.35 0.11
CA TRP C 213 3.17 21.59 -1.09
C TRP C 213 3.44 20.09 -0.93
N GLN C 214 2.75 19.30 -1.75
CA GLN C 214 2.96 17.87 -1.88
C GLN C 214 3.87 17.67 -3.09
N VAL C 215 5.11 17.29 -2.84
CA VAL C 215 6.09 17.14 -3.91
C VAL C 215 6.48 15.69 -4.01
N HIS C 216 7.02 15.30 -5.16
CA HIS C 216 7.48 13.95 -5.41
C HIS C 216 8.80 13.71 -4.67
N ARG C 217 8.97 12.49 -4.09
CA ARG C 217 10.18 12.09 -3.38
C ARG C 217 11.45 12.26 -4.24
N ASP C 218 11.39 11.82 -5.49
CA ASP C 218 12.51 11.86 -6.44
C ASP C 218 12.91 13.29 -6.78
N TRP C 219 11.93 14.22 -6.77
CA TRP C 219 12.15 15.64 -7.00
C TRP C 219 12.82 16.25 -5.79
N PHE C 220 12.27 16.00 -4.60
CA PHE C 220 12.75 16.49 -3.32
C PHE C 220 14.18 16.05 -3.04
N ASN C 221 14.46 14.76 -3.19
CA ASN C 221 15.78 14.17 -2.93
C ASN C 221 16.86 14.69 -3.81
N ASP C 222 16.54 15.14 -5.03
CA ASP C 222 17.55 15.61 -5.97
C ASP C 222 17.60 17.15 -6.05
N LEU C 223 16.87 17.88 -5.15
CA LEU C 223 16.90 19.35 -5.08
C LEU C 223 18.33 19.87 -4.94
N ALA C 224 18.76 20.67 -5.91
CA ALA C 224 20.12 21.20 -5.96
C ALA C 224 20.33 22.36 -4.98
N LEU C 225 20.13 22.06 -3.67
CA LEU C 225 20.28 23.05 -2.60
C LEU C 225 21.06 22.45 -1.41
N PRO C 226 21.72 23.27 -0.53
CA PRO C 226 22.39 22.69 0.64
C PRO C 226 21.36 22.08 1.57
N TRP C 227 21.72 20.97 2.23
CA TRP C 227 20.75 20.31 3.10
C TRP C 227 21.38 19.80 4.38
N LYS C 228 20.53 19.51 5.37
CA LYS C 228 20.88 18.92 6.65
C LYS C 228 19.60 18.41 7.30
N HIS C 229 19.77 17.63 8.38
CA HIS C 229 18.68 17.11 9.18
C HIS C 229 18.65 17.92 10.47
N GLU C 230 17.46 18.17 11.02
CA GLU C 230 17.21 18.91 12.26
C GLU C 230 18.10 18.35 13.38
N GLY C 231 18.98 19.19 13.91
CA GLY C 231 19.90 18.79 14.96
C GLY C 231 21.34 18.79 14.53
N ALA C 232 21.58 18.64 13.22
CA ALA C 232 22.94 18.68 12.67
C ALA C 232 23.42 20.12 12.72
N GLN C 233 24.71 20.30 12.93
CA GLN C 233 25.33 21.60 13.01
C GLN C 233 25.52 22.18 11.59
N ASN C 234 26.20 21.40 10.72
CA ASN C 234 26.60 21.79 9.39
C ASN C 234 25.68 21.36 8.28
N TRP C 235 25.72 22.17 7.21
CA TRP C 235 25.01 21.99 5.97
C TRP C 235 25.85 21.18 5.02
N ASN C 236 25.22 20.23 4.33
CA ASN C 236 25.83 19.41 3.29
C ASN C 236 25.64 20.14 1.97
N ASN C 237 26.68 20.12 1.13
CA ASN C 237 26.71 20.72 -0.21
C ASN C 237 26.37 22.23 -0.19
N ALA C 238 27.00 22.94 0.78
CA ALA C 238 26.82 24.38 1.00
C ALA C 238 27.40 25.21 -0.18
N GLU C 239 28.32 24.61 -0.96
CA GLU C 239 28.95 25.22 -2.14
C GLU C 239 27.93 25.47 -3.26
N ARG C 240 26.70 24.90 -3.16
CA ARG C 240 25.61 25.09 -4.12
C ARG C 240 25.08 26.53 -4.08
N LEU C 241 25.40 27.30 -3.03
CA LEU C 241 24.94 28.67 -2.91
C LEU C 241 26.13 29.62 -2.71
N VAL C 242 27.36 29.08 -2.85
CA VAL C 242 28.61 29.82 -2.69
C VAL C 242 29.49 29.68 -3.96
N GLU C 243 29.75 30.83 -4.66
CA GLU C 243 30.60 30.94 -5.87
C GLU C 243 31.82 31.88 -5.60
N PHE C 244 33.04 31.42 -5.99
CA PHE C 244 34.32 32.10 -5.75
C PHE C 244 34.78 32.95 -6.95
N ASP C 253 37.71 36.55 -2.49
CA ASP C 253 36.44 36.93 -3.14
C ASP C 253 35.40 35.79 -3.08
N VAL C 254 34.37 35.97 -2.23
CA VAL C 254 33.30 34.98 -2.01
C VAL C 254 31.94 35.64 -2.29
N TYR C 255 31.21 35.11 -3.29
CA TYR C 255 29.89 35.59 -3.69
C TYR C 255 28.80 34.57 -3.31
N ASN C 256 27.66 35.09 -2.88
CA ASN C 256 26.47 34.37 -2.44
C ASN C 256 25.45 34.41 -3.58
N LEU C 257 24.96 33.22 -4.04
CA LEU C 257 23.98 33.12 -5.14
C LEU C 257 22.60 33.77 -4.83
N GLY C 258 22.43 34.28 -3.61
CA GLY C 258 21.19 34.93 -3.19
C GLY C 258 20.07 33.99 -2.81
N ASP C 259 18.92 34.60 -2.42
CA ASP C 259 17.70 33.91 -2.02
C ASP C 259 17.06 33.23 -3.22
N GLN C 260 16.88 31.92 -3.11
CA GLN C 260 16.35 31.05 -4.15
C GLN C 260 14.84 30.77 -3.99
N THR C 261 14.18 31.41 -3.00
CA THR C 261 12.74 31.25 -2.73
C THR C 261 11.95 31.46 -4.04
N GLY C 262 12.28 32.51 -4.78
CA GLY C 262 11.65 32.88 -6.05
C GLY C 262 11.70 31.81 -7.12
N VAL C 263 12.89 31.22 -7.33
CA VAL C 263 13.15 30.15 -8.30
C VAL C 263 12.33 28.90 -7.89
N LEU C 264 12.29 28.62 -6.56
CA LEU C 264 11.55 27.48 -6.01
C LEU C 264 10.05 27.66 -6.22
N LEU C 265 9.51 28.84 -5.88
CA LEU C 265 8.08 29.16 -6.03
C LEU C 265 7.62 29.00 -7.47
N LYS C 266 8.48 29.39 -8.43
CA LYS C 266 8.25 29.28 -9.87
C LYS C 266 8.11 27.78 -10.29
N ALA C 267 8.96 26.90 -9.71
CA ALA C 267 8.96 25.45 -9.96
C ALA C 267 7.75 24.76 -9.31
N LEU C 268 7.25 25.31 -8.19
CA LEU C 268 6.13 24.77 -7.44
C LEU C 268 4.79 25.26 -7.96
N ALA C 269 4.77 25.95 -9.09
CA ALA C 269 3.53 26.46 -9.67
C ALA C 269 2.63 25.27 -10.14
N GLY C 270 1.36 25.30 -9.70
CA GLY C 270 0.38 24.29 -10.06
C GLY C 270 0.56 22.95 -9.37
N VAL C 271 1.58 22.85 -8.50
CA VAL C 271 1.88 21.65 -7.71
C VAL C 271 0.84 21.59 -6.58
N PRO C 272 0.29 20.39 -6.22
CA PRO C 272 -0.71 20.33 -5.15
C PRO C 272 -0.22 20.91 -3.82
N VAL C 273 -1.04 21.78 -3.24
CA VAL C 273 -0.77 22.42 -1.96
C VAL C 273 -1.11 21.45 -0.83
N ALA C 274 -0.33 21.53 0.27
CA ALA C 274 -0.56 20.72 1.46
C ALA C 274 -1.37 21.54 2.43
N HIS C 275 -2.54 21.04 2.81
CA HIS C 275 -3.41 21.80 3.71
C HIS C 275 -3.10 21.46 5.18
N ILE C 276 -2.37 22.36 5.86
CA ILE C 276 -1.99 22.23 7.27
C ILE C 276 -2.93 23.07 8.15
N GLU C 277 -3.67 22.39 9.03
CA GLU C 277 -4.61 23.00 9.98
C GLU C 277 -4.03 22.76 11.40
N GLY C 278 -3.10 23.62 11.82
CA GLY C 278 -2.43 23.49 13.11
C GLY C 278 -1.35 22.43 13.03
N THR C 279 -1.59 21.31 13.72
CA THR C 279 -0.67 20.15 13.70
C THR C 279 -1.15 19.10 12.67
N LYS C 280 -2.45 19.19 12.29
CA LYS C 280 -3.11 18.30 11.32
C LYS C 280 -2.66 18.56 9.89
N TYR C 281 -1.90 17.62 9.29
CA TYR C 281 -1.47 17.68 7.89
C TYR C 281 -2.50 16.91 7.08
N HIS C 282 -3.41 17.64 6.45
CA HIS C 282 -4.52 17.07 5.70
C HIS C 282 -4.17 16.57 4.35
N LEU C 283 -4.97 15.58 3.92
CA LEU C 283 -5.03 14.97 2.62
C LEU C 283 -6.41 15.34 2.06
N LYS C 284 -6.49 15.72 0.77
CA LYS C 284 -7.80 16.13 0.22
C LYS C 284 -8.35 15.06 -0.70
N SER C 285 -7.69 13.90 -0.72
CA SER C 285 -8.00 12.76 -1.54
C SER C 285 -7.94 11.49 -0.70
N GLY C 286 -8.87 10.59 -0.94
CA GLY C 286 -8.97 9.34 -0.21
C GLY C 286 -10.39 9.00 0.17
N HIS C 287 -10.60 7.74 0.51
CA HIS C 287 -11.87 7.20 0.91
C HIS C 287 -11.68 6.08 1.93
N VAL C 288 -12.82 5.57 2.40
CA VAL C 288 -12.96 4.50 3.37
C VAL C 288 -14.10 3.61 2.85
N THR C 289 -13.93 2.28 2.93
CA THR C 289 -14.94 1.28 2.49
C THR C 289 -15.30 0.53 3.75
N CYS C 290 -16.52 0.75 4.25
CA CYS C 290 -16.99 0.18 5.49
C CYS C 290 -18.03 -0.83 5.28
N GLU C 291 -17.97 -1.86 6.11
CA GLU C 291 -18.97 -2.90 6.26
C GLU C 291 -19.58 -2.67 7.64
N VAL C 292 -20.91 -2.46 7.66
CA VAL C 292 -21.70 -2.16 8.87
C VAL C 292 -22.57 -3.37 9.28
N GLY C 293 -22.41 -3.79 10.54
CA GLY C 293 -23.15 -4.91 11.11
C GLY C 293 -24.23 -4.42 12.05
N LEU C 294 -25.49 -4.62 11.65
CA LEU C 294 -26.64 -4.21 12.43
C LEU C 294 -27.44 -5.46 12.80
N GLU C 295 -28.17 -5.41 13.91
CA GLU C 295 -28.94 -6.59 14.30
C GLU C 295 -30.37 -6.22 14.64
N LYS C 296 -31.28 -7.20 14.47
CA LYS C 296 -32.73 -7.18 14.68
C LYS C 296 -33.37 -5.81 14.26
N LEU C 297 -33.31 -5.51 12.93
CA LEU C 297 -33.88 -4.27 12.39
C LEU C 297 -34.22 -4.41 10.91
N LYS C 298 -35.39 -3.86 10.54
CA LYS C 298 -35.93 -3.87 9.18
C LYS C 298 -35.33 -2.69 8.43
N MET C 299 -34.30 -3.00 7.64
CA MET C 299 -33.57 -2.03 6.82
C MET C 299 -34.43 -1.62 5.60
N LYS C 300 -34.60 -0.31 5.43
CA LYS C 300 -35.36 0.31 4.31
C LYS C 300 -34.54 0.25 2.99
N GLY C 301 -35.12 -0.38 1.96
CA GLY C 301 -34.48 -0.53 0.66
C GLY C 301 -34.99 0.41 -0.42
N LEU C 302 -34.13 1.35 -0.86
CA LEU C 302 -34.45 2.34 -1.90
C LEU C 302 -33.59 2.12 -3.16
N THR C 303 -34.15 2.33 -4.35
CA THR C 303 -33.39 2.20 -5.60
C THR C 303 -33.67 3.44 -6.45
N TYR C 304 -32.59 4.11 -6.90
CA TYR C 304 -32.62 5.31 -7.72
C TYR C 304 -32.94 4.99 -9.15
N THR C 305 -33.74 5.83 -9.79
CA THR C 305 -33.98 5.70 -11.21
C THR C 305 -32.86 6.49 -11.89
N MET C 306 -32.56 6.20 -13.16
CA MET C 306 -31.53 6.97 -13.86
C MET C 306 -32.06 8.35 -14.25
N CYS C 307 -31.29 9.42 -14.01
CA CYS C 307 -31.62 10.78 -14.41
C CYS C 307 -31.80 10.84 -15.93
N ASP C 308 -32.75 11.66 -16.40
CA ASP C 308 -32.98 11.87 -17.84
C ASP C 308 -31.74 12.53 -18.42
N LYS C 309 -31.10 11.83 -19.39
CA LYS C 309 -29.88 12.26 -20.10
C LYS C 309 -30.01 13.63 -20.84
N THR C 310 -31.25 14.04 -21.14
CA THR C 310 -31.55 15.27 -21.87
C THR C 310 -31.76 16.52 -20.99
N LYS C 311 -31.70 16.40 -19.64
CA LYS C 311 -32.02 17.52 -18.75
C LYS C 311 -30.85 17.96 -17.83
N PHE C 312 -29.63 17.90 -18.33
CA PHE C 312 -28.45 18.34 -17.59
C PHE C 312 -27.85 19.60 -18.20
N THR C 313 -27.20 20.42 -17.36
CA THR C 313 -26.55 21.67 -17.75
C THR C 313 -25.37 21.91 -16.77
N TRP C 314 -24.30 22.60 -17.23
CA TRP C 314 -23.07 22.80 -16.44
C TRP C 314 -23.16 23.93 -15.41
N LYS C 315 -23.10 23.59 -14.12
CA LYS C 315 -23.07 24.56 -13.03
C LYS C 315 -21.62 25.06 -12.90
N ARG C 316 -20.66 24.14 -13.00
CA ARG C 316 -19.20 24.32 -13.01
C ARG C 316 -18.63 23.27 -13.98
N ALA C 317 -18.12 23.72 -15.13
CA ALA C 317 -17.52 22.90 -16.17
C ALA C 317 -16.27 22.17 -15.62
N PRO C 318 -15.87 21.00 -16.20
CA PRO C 318 -14.70 20.24 -15.69
C PRO C 318 -13.43 21.06 -15.46
N THR C 319 -12.82 20.89 -14.27
CA THR C 319 -11.61 21.61 -13.89
C THR C 319 -10.73 20.80 -12.94
N ASP C 320 -9.46 21.21 -12.80
CA ASP C 320 -8.51 20.58 -11.88
C ASP C 320 -8.96 20.81 -10.45
N SER C 321 -8.97 19.72 -9.66
CA SER C 321 -9.38 19.74 -8.25
C SER C 321 -8.31 20.30 -7.31
N GLY C 322 -7.06 20.25 -7.75
CA GLY C 322 -5.91 20.67 -6.96
C GLY C 322 -5.23 19.49 -6.29
N HIS C 323 -5.72 18.26 -6.57
CA HIS C 323 -5.17 17.02 -6.01
C HIS C 323 -5.27 15.87 -7.03
N ASP C 324 -4.91 16.15 -8.31
CA ASP C 324 -4.80 15.18 -9.41
C ASP C 324 -6.10 14.48 -9.77
N THR C 325 -7.22 15.20 -9.69
CA THR C 325 -8.51 14.67 -10.14
C THR C 325 -9.19 15.79 -10.95
N VAL C 326 -10.36 15.46 -11.53
CA VAL C 326 -11.18 16.37 -12.31
C VAL C 326 -12.50 16.49 -11.54
N VAL C 327 -12.85 17.71 -11.14
CA VAL C 327 -14.12 18.02 -10.46
C VAL C 327 -15.02 18.79 -11.45
N MET C 328 -16.34 18.74 -11.23
CA MET C 328 -17.40 19.41 -11.99
C MET C 328 -18.70 19.40 -11.18
N GLU C 329 -19.65 20.24 -11.60
CA GLU C 329 -20.99 20.34 -11.05
C GLU C 329 -21.98 20.47 -12.20
N VAL C 330 -23.12 19.81 -12.05
CA VAL C 330 -24.20 19.83 -13.01
C VAL C 330 -25.50 20.22 -12.30
N THR C 331 -26.43 20.83 -13.05
CA THR C 331 -27.78 21.21 -12.63
C THR C 331 -28.72 20.32 -13.40
N PHE C 332 -29.79 19.86 -12.74
CA PHE C 332 -30.77 18.96 -13.36
C PHE C 332 -32.19 19.59 -13.35
N SER C 333 -32.88 19.63 -14.51
CA SER C 333 -34.22 20.24 -14.61
C SER C 333 -35.40 19.21 -14.61
N GLY C 334 -35.08 17.92 -14.50
CA GLY C 334 -36.05 16.82 -14.47
C GLY C 334 -36.49 16.41 -13.07
N THR C 335 -37.19 15.25 -12.95
CA THR C 335 -37.70 14.75 -11.64
C THR C 335 -36.57 14.10 -10.80
N LYS C 336 -36.48 14.57 -9.55
CA LYS C 336 -35.49 14.22 -8.53
C LYS C 336 -36.13 13.43 -7.38
N PRO C 337 -35.35 12.62 -6.61
CA PRO C 337 -33.93 12.31 -6.79
C PRO C 337 -33.70 11.21 -7.83
N CYS C 338 -32.51 11.20 -8.44
CA CYS C 338 -32.14 10.19 -9.43
C CYS C 338 -30.63 10.00 -9.47
N ARG C 339 -30.17 8.93 -10.14
CA ARG C 339 -28.76 8.60 -10.36
C ARG C 339 -28.24 9.33 -11.63
N ILE C 340 -27.11 10.06 -11.52
CA ILE C 340 -26.52 10.81 -12.65
C ILE C 340 -25.80 9.85 -13.64
N PRO C 341 -26.15 9.87 -14.96
CA PRO C 341 -25.38 9.04 -15.93
C PRO C 341 -24.05 9.73 -16.27
N VAL C 342 -22.93 9.15 -15.82
CA VAL C 342 -21.60 9.73 -16.05
C VAL C 342 -20.67 8.75 -16.77
N ARG C 343 -19.89 9.24 -17.74
CA ARG C 343 -18.89 8.47 -18.48
C ARG C 343 -17.90 9.43 -19.18
N ALA C 344 -16.89 8.86 -19.83
CA ALA C 344 -15.88 9.61 -20.58
C ALA C 344 -15.25 8.74 -21.61
N VAL C 345 -14.77 9.31 -22.68
CA VAL C 345 -14.18 8.52 -23.75
C VAL C 345 -12.92 9.19 -24.20
N ALA C 346 -11.90 8.37 -24.46
CA ALA C 346 -10.64 8.86 -24.97
C ALA C 346 -10.85 9.16 -26.43
N HIS C 347 -10.70 10.44 -26.83
CA HIS C 347 -10.89 10.92 -28.20
C HIS C 347 -10.28 9.90 -29.19
N GLY C 348 -11.15 9.35 -30.05
CA GLY C 348 -10.80 8.31 -31.01
C GLY C 348 -11.46 6.97 -30.71
N SER C 349 -11.60 6.63 -29.41
CA SER C 349 -12.19 5.36 -28.94
C SER C 349 -13.52 5.67 -28.25
N PRO C 350 -14.68 5.61 -28.96
CA PRO C 350 -15.93 6.08 -28.35
C PRO C 350 -16.76 5.03 -27.62
N ASP C 351 -16.36 3.76 -27.67
CA ASP C 351 -17.14 2.71 -27.04
C ASP C 351 -16.72 2.45 -25.60
N VAL C 352 -15.44 2.65 -25.30
CA VAL C 352 -14.91 2.36 -23.97
C VAL C 352 -15.07 3.54 -23.01
N ASN C 353 -15.63 3.27 -21.81
CA ASN C 353 -15.73 4.25 -20.74
C ASN C 353 -14.37 4.30 -19.99
N VAL C 354 -13.75 5.49 -19.94
CA VAL C 354 -12.45 5.70 -19.30
C VAL C 354 -12.55 6.56 -18.00
N ALA C 355 -13.77 6.95 -17.59
CA ALA C 355 -14.03 7.71 -16.35
C ALA C 355 -13.85 6.79 -15.16
N MET C 356 -13.06 7.22 -14.19
CA MET C 356 -12.86 6.47 -12.98
C MET C 356 -13.31 7.36 -11.88
N LEU C 357 -14.58 7.19 -11.47
CA LEU C 357 -15.19 8.09 -10.50
C LEU C 357 -14.65 7.91 -9.11
N ILE C 358 -14.41 9.07 -8.47
CA ILE C 358 -14.01 9.23 -7.07
C ILE C 358 -15.33 9.26 -6.27
N THR C 359 -16.38 9.83 -6.88
CA THR C 359 -17.75 9.92 -6.37
C THR C 359 -18.40 8.50 -6.53
N PRO C 360 -18.56 7.70 -5.44
CA PRO C 360 -19.10 6.33 -5.60
C PRO C 360 -20.51 6.24 -6.20
N ASN C 361 -21.41 7.19 -5.87
CA ASN C 361 -22.72 7.18 -6.49
C ASN C 361 -23.17 8.61 -6.77
N PRO C 362 -22.81 9.17 -7.96
CA PRO C 362 -23.26 10.54 -8.26
C PRO C 362 -24.77 10.56 -8.45
N THR C 363 -25.45 11.38 -7.64
CA THR C 363 -26.92 11.52 -7.65
C THR C 363 -27.35 12.96 -7.63
N ILE C 364 -28.60 13.21 -8.03
CA ILE C 364 -29.24 14.50 -7.91
C ILE C 364 -30.24 14.30 -6.80
N GLU C 365 -30.06 15.03 -5.70
CA GLU C 365 -30.95 14.95 -4.57
C GLU C 365 -32.05 16.00 -4.69
N ASN C 366 -33.13 15.88 -3.88
CA ASN C 366 -34.26 16.80 -3.90
C ASN C 366 -33.77 18.23 -3.67
N ASN C 367 -32.84 18.42 -2.73
CA ASN C 367 -32.17 19.69 -2.44
C ASN C 367 -30.71 19.32 -2.24
N GLY C 368 -29.92 19.45 -3.29
CA GLY C 368 -28.51 19.06 -3.31
C GLY C 368 -28.18 18.06 -4.41
N GLY C 369 -26.91 17.70 -4.51
CA GLY C 369 -26.44 16.78 -5.55
C GLY C 369 -26.03 17.50 -6.82
N GLY C 370 -25.16 16.85 -7.59
CA GLY C 370 -24.65 17.36 -8.85
C GLY C 370 -23.13 17.44 -8.95
N PHE C 371 -22.43 17.22 -7.83
CA PHE C 371 -20.98 17.29 -7.81
C PHE C 371 -20.38 15.93 -8.20
N ILE C 372 -19.47 15.94 -9.20
CA ILE C 372 -18.81 14.72 -9.71
C ILE C 372 -17.29 14.89 -9.71
N GLU C 373 -16.58 13.89 -9.17
CA GLU C 373 -15.13 13.84 -9.17
C GLU C 373 -14.66 12.58 -9.85
N MET C 374 -13.65 12.71 -10.70
CA MET C 374 -13.13 11.54 -11.42
C MET C 374 -11.66 11.67 -11.76
N GLN C 375 -11.04 10.52 -12.09
CA GLN C 375 -9.72 10.39 -12.66
C GLN C 375 -9.90 10.11 -14.15
N LEU C 376 -9.02 10.64 -14.99
CA LEU C 376 -9.14 10.40 -16.43
C LEU C 376 -7.78 10.03 -17.02
N PRO C 377 -7.73 9.22 -18.11
CA PRO C 377 -6.44 8.92 -18.73
C PRO C 377 -5.76 10.16 -19.31
N PRO C 378 -4.40 10.15 -19.48
CA PRO C 378 -3.74 11.32 -20.09
C PRO C 378 -4.22 11.57 -21.52
N GLY C 379 -4.23 12.83 -21.91
CA GLY C 379 -4.60 13.25 -23.25
C GLY C 379 -5.96 13.89 -23.41
N ASP C 380 -6.51 13.75 -24.63
CA ASP C 380 -7.79 14.31 -25.02
C ASP C 380 -8.95 13.38 -24.65
N ASN C 381 -9.83 13.85 -23.74
CA ASN C 381 -11.01 13.11 -23.29
C ASN C 381 -12.26 13.92 -23.53
N ILE C 382 -13.42 13.25 -23.53
CA ILE C 382 -14.72 13.89 -23.62
C ILE C 382 -15.58 13.31 -22.52
N ILE C 383 -15.92 14.15 -21.52
CA ILE C 383 -16.77 13.80 -20.37
C ILE C 383 -18.24 13.91 -20.81
N TYR C 384 -19.04 12.88 -20.49
CA TYR C 384 -20.47 12.83 -20.77
C TYR C 384 -21.28 12.68 -19.47
N VAL C 385 -22.18 13.64 -19.22
CA VAL C 385 -23.16 13.62 -18.13
C VAL C 385 -24.52 13.56 -18.87
N GLY C 386 -24.84 12.35 -19.33
CA GLY C 386 -25.96 12.10 -20.20
C GLY C 386 -25.59 12.60 -21.58
N GLU C 387 -26.44 13.44 -22.18
CA GLU C 387 -26.17 14.00 -23.50
C GLU C 387 -25.24 15.22 -23.40
N LEU C 388 -25.07 15.75 -22.16
CA LEU C 388 -24.21 16.90 -21.83
C LEU C 388 -22.77 16.49 -21.91
N SER C 389 -21.97 17.21 -22.73
CA SER C 389 -20.56 16.87 -22.93
C SER C 389 -19.63 18.04 -22.78
N HIS C 390 -18.38 17.73 -22.44
CA HIS C 390 -17.31 18.70 -22.28
C HIS C 390 -15.97 18.01 -22.50
N GLN C 391 -15.14 18.59 -23.36
CA GLN C 391 -13.78 18.12 -23.66
C GLN C 391 -12.84 18.47 -22.49
N TRP C 392 -12.00 17.50 -22.07
CA TRP C 392 -11.03 17.67 -21.00
C TRP C 392 -9.67 17.16 -21.43
N PHE C 393 -8.65 18.03 -21.34
CA PHE C 393 -7.29 17.61 -21.61
C PHE C 393 -6.61 17.25 -20.27
N GLN C 394 -6.13 16.01 -20.18
CA GLN C 394 -5.48 15.50 -18.99
C GLN C 394 -3.96 15.47 -19.21
N LYS C 395 -3.23 16.29 -18.44
CA LYS C 395 -1.77 16.32 -18.48
C LYS C 395 -1.21 14.99 -17.90
N GLY C 396 -0.07 14.56 -18.42
CA GLY C 396 0.61 13.34 -17.99
C GLY C 396 1.26 13.51 -16.63
N SER C 397 1.80 12.40 -16.09
CA SER C 397 2.44 12.35 -14.77
C SER C 397 3.80 13.02 -14.82
N SER C 398 4.25 13.60 -13.69
CA SER C 398 5.52 14.31 -13.59
C SER C 398 6.02 14.33 -12.13
N ILE C 399 7.35 14.21 -11.93
CA ILE C 399 7.93 14.28 -10.57
C ILE C 399 8.04 15.77 -10.16
N GLY C 400 7.95 16.66 -11.16
CA GLY C 400 8.02 18.10 -11.00
C GLY C 400 8.92 18.74 -12.03
N ARG C 401 8.90 20.09 -12.04
CA ARG C 401 9.71 20.93 -12.93
C ARG C 401 11.15 20.91 -12.50
N VAL C 402 12.07 20.98 -13.45
CA VAL C 402 13.48 20.98 -13.10
C VAL C 402 13.81 22.31 -12.38
N PHE C 403 14.33 22.21 -11.15
CA PHE C 403 14.61 23.40 -10.32
C PHE C 403 15.74 24.27 -10.90
#